data_8E6Y
#
_entry.id   8E6Y
#
_entity_poly.entity_id   1
_entity_poly.type   'polypeptide(L)'
_entity_poly.pdbx_seq_one_letter_code
;SKTFEVNIVLNPNLDQKQLAQAKELAIKALKQYGIGVEKIKLIGNAKTVEAVEKLKQGILLVYQIEAPADRVNDLARELR
ILDAVRRVETTYAAD
;
_entity_poly.pdbx_strand_id   A
#
# COMPACT_ATOMS: atom_id res chain seq x y z
N SER A 1 -13.50 -3.96 -14.22
CA SER A 1 -12.77 -3.84 -12.97
C SER A 1 -13.55 -4.47 -11.83
N LYS A 2 -12.83 -5.09 -10.89
CA LYS A 2 -13.45 -5.70 -9.72
C LYS A 2 -12.82 -5.18 -8.43
N THR A 3 -13.52 -5.39 -7.32
CA THR A 3 -13.03 -4.94 -6.02
C THR A 3 -11.72 -5.63 -5.67
N PHE A 4 -10.73 -4.85 -5.25
CA PHE A 4 -9.38 -5.35 -5.03
C PHE A 4 -8.70 -4.63 -3.88
N GLU A 5 -7.83 -5.34 -3.17
CA GLU A 5 -7.13 -4.77 -2.03
C GLU A 5 -5.61 -4.84 -2.22
N VAL A 6 -4.94 -3.76 -1.88
CA VAL A 6 -3.47 -3.75 -1.85
C VAL A 6 -2.95 -3.36 -0.46
N ASN A 7 -1.86 -4.01 -0.05
CA ASN A 7 -1.30 -3.79 1.28
C ASN A 7 0.16 -3.40 1.20
N ILE A 8 0.47 -2.17 1.59
CA ILE A 8 1.82 -1.64 1.48
C ILE A 8 2.48 -1.54 2.85
N VAL A 9 3.67 -2.11 2.97
CA VAL A 9 4.42 -2.09 4.23
C VAL A 9 5.56 -1.09 4.18
N LEU A 10 5.59 -0.19 5.16
CA LEU A 10 6.56 0.90 5.15
C LEU A 10 7.43 0.86 6.39
N ASN A 11 8.68 1.31 6.25
CA ASN A 11 9.61 1.36 7.37
C ASN A 11 9.11 2.30 8.46
N PRO A 12 9.02 1.79 9.69
CA PRO A 12 8.39 2.51 10.78
C PRO A 12 9.32 3.58 11.34
N ASN A 13 10.56 3.61 10.83
CA ASN A 13 11.56 4.56 11.31
C ASN A 13 11.56 5.83 10.48
N LEU A 14 10.60 5.95 9.57
CA LEU A 14 10.50 7.10 8.70
C LEU A 14 9.81 8.26 9.41
N ASP A 15 10.19 9.48 9.05
CA ASP A 15 9.50 10.67 9.54
C ASP A 15 8.06 10.71 9.06
N GLN A 16 7.22 11.44 9.78
CA GLN A 16 5.83 11.66 9.38
C GLN A 16 5.76 12.30 8.00
N LYS A 17 6.70 13.19 7.72
CA LYS A 17 6.79 13.81 6.40
C LYS A 17 7.11 12.79 5.33
N GLN A 18 8.12 11.96 5.59
CA GLN A 18 8.54 10.94 4.63
C GLN A 18 7.42 9.96 4.34
N LEU A 19 6.69 9.57 5.38
CA LEU A 19 5.57 8.65 5.23
C LEU A 19 4.44 9.30 4.43
N ALA A 20 4.17 10.56 4.70
CA ALA A 20 3.17 11.31 3.95
C ALA A 20 3.51 11.39 2.47
N GLN A 21 4.79 11.61 2.19
CA GLN A 21 5.27 11.68 0.81
C GLN A 21 5.13 10.32 0.13
N ALA A 22 5.49 9.26 0.84
CA ALA A 22 5.35 7.91 0.32
C ALA A 22 3.88 7.59 0.02
N LYS A 23 2.99 8.05 0.87
CA LYS A 23 1.56 7.86 0.66
C LYS A 23 1.08 8.57 -0.60
N GLU A 24 1.46 9.84 -0.74
CA GLU A 24 1.10 10.62 -1.91
C GLU A 24 1.59 9.96 -3.19
N LEU A 25 2.84 9.51 -3.17
CA LEU A 25 3.44 8.88 -4.34
C LEU A 25 2.74 7.57 -4.69
N ALA A 26 2.38 6.82 -3.65
CA ALA A 26 1.61 5.59 -3.83
C ALA A 26 0.27 5.87 -4.50
N ILE A 27 -0.38 6.95 -4.08
CA ILE A 27 -1.64 7.37 -4.68
C ILE A 27 -1.46 7.75 -6.14
N LYS A 28 -0.42 8.54 -6.41
CA LYS A 28 -0.14 8.99 -7.76
C LYS A 28 0.11 7.80 -8.70
N ALA A 29 0.68 6.74 -8.15
CA ALA A 29 0.82 5.49 -8.89
C ALA A 29 -0.55 4.86 -9.18
N LEU A 30 -1.37 4.74 -8.14
CA LEU A 30 -2.65 4.05 -8.25
C LEU A 30 -3.58 4.78 -9.21
N LYS A 31 -3.52 6.11 -9.20
CA LYS A 31 -4.41 6.93 -10.01
C LYS A 31 -4.26 6.59 -11.49
N GLN A 32 -3.09 6.09 -11.86
CA GLN A 32 -2.78 5.81 -13.27
C GLN A 32 -3.50 4.56 -13.73
N TYR A 33 -4.13 3.85 -12.80
CA TYR A 33 -4.94 2.68 -13.14
C TYR A 33 -6.43 3.01 -13.06
N GLY A 34 -6.74 4.29 -12.89
CA GLY A 34 -8.12 4.73 -12.76
C GLY A 34 -8.63 4.59 -11.33
N ILE A 35 -7.70 4.43 -10.39
CA ILE A 35 -8.05 4.21 -8.99
C ILE A 35 -8.21 5.53 -8.25
N GLY A 36 -9.28 5.63 -7.47
CA GLY A 36 -9.57 6.85 -6.72
C GLY A 36 -8.90 6.81 -5.34
N VAL A 37 -9.38 7.66 -4.44
CA VAL A 37 -8.75 7.83 -3.14
C VAL A 37 -9.79 7.85 -2.02
N GLU A 38 -10.85 7.05 -2.19
CA GLU A 38 -12.05 7.21 -1.39
C GLU A 38 -11.99 6.37 -0.12
N LYS A 39 -11.26 5.27 -0.18
CA LYS A 39 -11.20 4.33 0.93
C LYS A 39 -9.76 3.95 1.25
N ILE A 40 -9.15 4.72 2.16
CA ILE A 40 -7.74 4.54 2.49
C ILE A 40 -7.54 4.38 3.99
N LYS A 41 -6.77 3.37 4.39
CA LYS A 41 -6.48 3.13 5.80
C LYS A 41 -4.98 3.06 6.03
N LEU A 42 -4.55 3.50 7.21
CA LEU A 42 -3.17 3.32 7.65
C LEU A 42 -3.09 3.07 9.15
N ILE A 43 -2.24 2.12 9.54
CA ILE A 43 -1.95 1.91 10.95
C ILE A 43 -0.46 2.12 11.23
N GLY A 44 -0.17 3.21 11.93
CA GLY A 44 1.20 3.73 11.98
C GLY A 44 2.06 2.93 12.95
N ASN A 45 1.43 2.04 13.70
CA ASN A 45 2.13 1.19 14.66
C ASN A 45 1.90 -0.28 14.38
N ALA A 46 1.49 -0.59 13.15
CA ALA A 46 1.28 -1.97 12.74
C ALA A 46 2.56 -2.78 12.88
N LYS A 47 2.44 -3.95 13.51
CA LYS A 47 3.57 -4.86 13.63
C LYS A 47 3.49 -5.97 12.57
N THR A 48 3.66 -5.57 11.31
CA THR A 48 3.58 -6.51 10.21
C THR A 48 4.56 -7.66 10.38
N VAL A 49 4.05 -8.89 10.30
CA VAL A 49 4.84 -10.07 10.60
C VAL A 49 6.04 -10.19 9.66
N GLU A 50 5.90 -9.64 8.46
CA GLU A 50 6.95 -9.70 7.46
C GLU A 50 7.95 -8.57 7.65
N ALA A 51 7.70 -7.71 8.64
CA ALA A 51 8.57 -6.57 8.91
C ALA A 51 9.33 -6.77 10.21
N VAL A 52 8.62 -7.22 11.25
CA VAL A 52 9.20 -7.28 12.59
C VAL A 52 10.40 -8.21 12.64
N GLU A 53 10.58 -8.98 11.57
CA GLU A 53 11.75 -9.85 11.44
C GLU A 53 13.04 -9.04 11.55
N LYS A 54 13.03 -7.83 11.00
CA LYS A 54 14.20 -6.96 11.02
C LYS A 54 13.87 -5.61 11.65
N LEU A 55 12.60 -5.23 11.60
CA LEU A 55 12.18 -3.90 12.00
C LEU A 55 11.41 -3.93 13.31
N LYS A 56 11.11 -2.75 13.84
CA LYS A 56 10.40 -2.64 15.12
C LYS A 56 8.94 -3.03 14.98
N GLN A 57 8.33 -2.62 13.86
CA GLN A 57 6.88 -2.72 13.71
C GLN A 57 6.52 -3.06 12.26
N GLY A 58 6.43 -2.04 11.42
CA GLY A 58 6.17 -2.23 10.00
C GLY A 58 4.80 -1.69 9.61
N ILE A 59 4.78 -0.45 9.11
CA ILE A 59 3.55 0.30 8.98
C ILE A 59 2.65 -0.26 7.90
N LEU A 60 1.37 -0.40 8.19
CA LEU A 60 0.41 -1.02 7.28
C LEU A 60 -0.41 0.03 6.56
N LEU A 61 -0.17 0.19 5.26
CA LEU A 61 -0.93 1.12 4.44
C LEU A 61 -1.81 0.40 3.42
N VAL A 62 -3.11 0.63 3.50
CA VAL A 62 -4.07 -0.17 2.75
C VAL A 62 -4.95 0.71 1.87
N TYR A 63 -5.11 0.32 0.62
CA TYR A 63 -6.08 0.94 -0.28
C TYR A 63 -7.18 -0.04 -0.67
N GLN A 64 -8.42 0.41 -0.60
CA GLN A 64 -9.55 -0.34 -1.16
C GLN A 64 -9.92 0.17 -2.53
N ILE A 65 -9.61 -0.60 -3.56
CA ILE A 65 -9.55 -0.09 -4.92
C ILE A 65 -10.39 -0.93 -5.86
N GLU A 66 -10.59 -0.43 -7.09
CA GLU A 66 -11.19 -1.22 -8.15
C GLU A 66 -10.23 -1.34 -9.33
N ALA A 67 -10.00 -2.57 -9.78
CA ALA A 67 -9.05 -2.83 -10.85
C ALA A 67 -9.33 -4.17 -11.53
N PRO A 68 -8.98 -4.28 -12.80
CA PRO A 68 -9.02 -5.54 -13.51
C PRO A 68 -7.90 -6.48 -13.05
N ALA A 69 -8.12 -7.78 -13.23
CA ALA A 69 -7.12 -8.77 -12.84
C ALA A 69 -5.80 -8.54 -13.55
N ASP A 70 -5.88 -8.03 -14.78
CA ASP A 70 -4.70 -7.91 -15.63
C ASP A 70 -3.67 -6.98 -15.02
N ARG A 71 -4.14 -6.01 -14.23
CA ARG A 71 -3.30 -4.92 -13.78
C ARG A 71 -2.78 -5.18 -12.36
N VAL A 72 -3.12 -6.35 -11.82
CA VAL A 72 -2.72 -6.70 -10.47
C VAL A 72 -1.21 -6.72 -10.32
N ASN A 73 -0.54 -7.33 -11.29
CA ASN A 73 0.92 -7.39 -11.28
C ASN A 73 1.53 -6.00 -11.41
N ASP A 74 0.93 -5.17 -12.25
CA ASP A 74 1.43 -3.82 -12.49
C ASP A 74 1.26 -2.95 -11.25
N LEU A 75 0.13 -3.13 -10.56
CA LEU A 75 -0.12 -2.42 -9.31
C LEU A 75 0.95 -2.74 -8.27
N ALA A 76 1.25 -4.03 -8.12
CA ALA A 76 2.25 -4.47 -7.15
C ALA A 76 3.62 -3.88 -7.47
N ARG A 77 3.96 -3.85 -8.76
CA ARG A 77 5.27 -3.37 -9.18
C ARG A 77 5.46 -1.90 -8.83
N GLU A 78 4.49 -1.08 -9.20
CA GLU A 78 4.59 0.37 -9.01
C GLU A 78 4.64 0.73 -7.53
N LEU A 79 3.90 -0.02 -6.72
CA LEU A 79 3.82 0.26 -5.29
C LEU A 79 5.14 -0.08 -4.60
N ARG A 80 5.99 -0.83 -5.28
CA ARG A 80 7.27 -1.23 -4.73
C ARG A 80 8.40 -0.32 -5.20
N ILE A 81 8.04 0.70 -5.99
CA ILE A 81 9.02 1.59 -6.59
C ILE A 81 9.68 2.47 -5.54
N LEU A 82 9.01 2.63 -4.40
CA LEU A 82 9.48 3.55 -3.37
C LEU A 82 10.53 2.89 -2.47
N ASP A 83 11.41 3.71 -1.90
CA ASP A 83 12.37 3.23 -0.92
C ASP A 83 11.73 3.14 0.47
N ALA A 84 10.72 3.97 0.71
CA ALA A 84 9.97 3.93 1.95
C ALA A 84 9.30 2.57 2.15
N VAL A 85 8.93 1.94 1.04
CA VAL A 85 8.16 0.70 1.09
C VAL A 85 9.08 -0.50 1.19
N ARG A 86 8.78 -1.41 2.11
CA ARG A 86 9.60 -2.60 2.33
C ARG A 86 8.98 -3.82 1.65
N ARG A 87 7.65 -3.81 1.51
CA ARG A 87 6.93 -4.95 0.98
C ARG A 87 5.53 -4.55 0.52
N VAL A 88 5.08 -5.14 -0.58
CA VAL A 88 3.71 -4.98 -1.03
C VAL A 88 3.04 -6.33 -1.27
N GLU A 89 1.84 -6.50 -0.73
CA GLU A 89 1.05 -7.70 -0.98
C GLU A 89 -0.30 -7.34 -1.61
N THR A 90 -0.88 -8.29 -2.33
CA THR A 90 -2.14 -8.06 -3.03
C THR A 90 -3.14 -9.18 -2.76
N THR A 91 -4.42 -8.90 -2.97
CA THR A 91 -5.45 -9.92 -2.91
C THR A 91 -6.73 -9.46 -3.58
N TYR A 92 -7.52 -10.41 -4.06
CA TYR A 92 -8.85 -10.10 -4.60
C TYR A 92 -9.88 -9.95 -3.49
N ALA A 93 -10.92 -9.18 -3.75
CA ALA A 93 -12.01 -9.00 -2.80
C ALA A 93 -13.36 -9.10 -3.49
N ALA A 94 -14.37 -9.58 -2.76
CA ALA A 94 -15.71 -9.74 -3.31
C ALA A 94 -16.32 -8.40 -3.68
N ASP A 95 -17.18 -8.41 -4.69
CA ASP A 95 -17.91 -7.21 -5.10
C ASP A 95 -19.19 -7.05 -4.30
N SER A 1 -14.48 -7.42 -13.20
CA SER A 1 -13.88 -6.53 -12.21
C SER A 1 -14.41 -6.82 -10.80
N LYS A 2 -13.84 -7.85 -10.17
CA LYS A 2 -14.28 -8.25 -8.84
C LYS A 2 -13.65 -7.38 -7.76
N THR A 3 -14.20 -7.45 -6.55
CA THR A 3 -13.66 -6.71 -5.42
C THR A 3 -12.18 -7.04 -5.20
N PHE A 4 -11.36 -6.00 -5.12
CA PHE A 4 -9.90 -6.19 -5.04
C PHE A 4 -9.31 -5.33 -3.94
N GLU A 5 -8.42 -5.92 -3.16
CA GLU A 5 -7.84 -5.23 -2.00
C GLU A 5 -6.33 -5.41 -1.95
N VAL A 6 -5.65 -4.46 -1.34
CA VAL A 6 -4.20 -4.56 -1.14
C VAL A 6 -3.83 -4.41 0.33
N ASN A 7 -2.63 -4.87 0.68
CA ASN A 7 -2.08 -4.63 2.01
C ASN A 7 -0.62 -4.22 1.92
N ILE A 8 -0.38 -2.93 1.74
CA ILE A 8 0.96 -2.43 1.43
C ILE A 8 1.64 -1.87 2.66
N VAL A 9 2.88 -2.31 2.90
CA VAL A 9 3.61 -1.93 4.10
C VAL A 9 4.65 -0.87 3.79
N LEU A 10 4.55 0.27 4.46
CA LEU A 10 5.46 1.39 4.22
C LEU A 10 6.47 1.54 5.35
N ASN A 11 7.63 2.09 5.03
CA ASN A 11 8.67 2.30 6.02
C ASN A 11 8.23 3.28 7.10
N PRO A 12 8.11 2.79 8.33
CA PRO A 12 7.66 3.62 9.44
C PRO A 12 8.80 4.46 9.99
N ASN A 13 10.04 4.05 9.70
CA ASN A 13 11.21 4.61 10.36
C ASN A 13 11.71 5.86 9.63
N LEU A 14 10.85 6.86 9.53
CA LEU A 14 11.15 8.05 8.75
C LEU A 14 10.84 9.32 9.53
N ASP A 15 11.46 10.42 9.15
CA ASP A 15 11.14 11.73 9.72
C ASP A 15 9.75 12.19 9.30
N GLN A 16 9.25 13.22 9.97
CA GLN A 16 7.90 13.70 9.73
C GLN A 16 7.71 14.12 8.27
N LYS A 17 8.69 14.82 7.73
CA LYS A 17 8.65 15.25 6.33
C LYS A 17 8.78 14.05 5.39
N GLN A 18 9.64 13.12 5.76
CA GLN A 18 9.86 11.92 4.96
C GLN A 18 8.62 11.04 4.92
N LEU A 19 7.93 10.96 6.05
CA LEU A 19 6.70 10.18 6.14
C LEU A 19 5.63 10.76 5.22
N ALA A 20 5.51 12.07 5.21
CA ALA A 20 4.58 12.75 4.30
C ALA A 20 4.87 12.41 2.85
N GLN A 21 6.15 12.44 2.48
CA GLN A 21 6.57 12.10 1.14
C GLN A 21 6.32 10.63 0.82
N ALA A 22 6.63 9.77 1.79
CA ALA A 22 6.46 8.33 1.61
C ALA A 22 5.00 7.98 1.35
N LYS A 23 4.10 8.63 2.09
CA LYS A 23 2.68 8.38 1.94
C LYS A 23 2.17 8.86 0.59
N GLU A 24 2.62 10.04 0.18
CA GLU A 24 2.24 10.60 -1.12
C GLU A 24 2.64 9.67 -2.26
N LEU A 25 3.85 9.11 -2.17
CA LEU A 25 4.34 8.19 -3.19
C LEU A 25 3.47 6.94 -3.26
N ALA A 26 3.10 6.41 -2.09
CA ALA A 26 2.28 5.20 -2.02
C ALA A 26 0.92 5.42 -2.66
N ILE A 27 0.35 6.60 -2.42
CA ILE A 27 -0.99 6.92 -2.92
C ILE A 27 -0.95 7.30 -4.40
N LYS A 28 0.04 8.10 -4.77
CA LYS A 28 0.22 8.51 -6.16
C LYS A 28 0.43 7.29 -7.06
N ALA A 29 1.09 6.27 -6.52
CA ALA A 29 1.26 5.01 -7.23
C ALA A 29 -0.09 4.40 -7.60
N LEU A 30 -1.11 4.72 -6.81
CA LEU A 30 -2.45 4.18 -7.04
C LEU A 30 -3.23 5.05 -8.03
N LYS A 31 -3.18 6.36 -7.83
CA LYS A 31 -3.91 7.29 -8.68
C LYS A 31 -3.45 7.18 -10.13
N GLN A 32 -2.18 6.84 -10.32
CA GLN A 32 -1.63 6.63 -11.65
C GLN A 32 -2.47 5.65 -12.45
N TYR A 33 -3.05 4.68 -11.76
CA TYR A 33 -3.78 3.59 -12.40
C TYR A 33 -5.28 3.75 -12.23
N GLY A 34 -5.72 4.99 -12.01
CA GLY A 34 -7.14 5.32 -12.08
C GLY A 34 -7.84 4.97 -10.77
N ILE A 35 -7.06 4.76 -9.72
CA ILE A 35 -7.61 4.44 -8.41
C ILE A 35 -7.97 5.70 -7.63
N GLY A 36 -9.20 5.75 -7.14
CA GLY A 36 -9.68 6.92 -6.41
C GLY A 36 -9.27 6.88 -4.95
N VAL A 37 -10.02 7.56 -4.10
CA VAL A 37 -9.67 7.70 -2.70
C VAL A 37 -10.82 7.28 -1.79
N GLU A 38 -11.98 7.02 -2.39
CA GLU A 38 -13.20 6.78 -1.63
C GLU A 38 -13.06 5.56 -0.73
N LYS A 39 -12.19 4.63 -1.12
CA LYS A 39 -11.99 3.41 -0.38
C LYS A 39 -10.52 3.18 -0.04
N ILE A 40 -9.82 4.27 0.25
CA ILE A 40 -8.47 4.20 0.78
C ILE A 40 -8.43 4.46 2.28
N LYS A 41 -7.82 3.56 3.02
CA LYS A 41 -7.58 3.76 4.45
C LYS A 41 -6.17 3.38 4.84
N LEU A 42 -5.66 3.99 5.90
CA LEU A 42 -4.36 3.63 6.45
C LEU A 42 -4.50 3.16 7.90
N ILE A 43 -3.67 2.18 8.28
CA ILE A 43 -3.73 1.61 9.61
C ILE A 43 -2.43 1.85 10.37
N GLY A 44 -2.54 2.39 11.58
CA GLY A 44 -1.36 2.75 12.37
C GLY A 44 -0.72 1.52 12.99
N ASN A 45 -0.09 0.71 12.16
CA ASN A 45 0.70 -0.42 12.65
C ASN A 45 2.19 -0.08 12.69
N ALA A 46 2.48 1.22 12.72
CA ALA A 46 3.86 1.69 12.64
C ALA A 46 4.72 1.10 13.75
N LYS A 47 5.88 0.56 13.38
CA LYS A 47 6.87 0.12 14.36
C LYS A 47 8.10 1.02 14.33
N THR A 48 8.97 0.86 15.33
CA THR A 48 10.20 1.63 15.39
C THR A 48 11.40 0.80 14.95
N VAL A 49 11.13 -0.42 14.51
CA VAL A 49 12.19 -1.32 14.07
C VAL A 49 11.98 -1.77 12.63
N GLU A 50 12.98 -1.56 11.79
CA GLU A 50 12.86 -1.80 10.36
C GLU A 50 12.70 -3.28 10.07
N ALA A 51 13.22 -4.12 10.95
CA ALA A 51 13.37 -5.55 10.67
C ALA A 51 12.05 -6.27 10.85
N VAL A 52 10.97 -5.52 11.05
CA VAL A 52 9.65 -6.09 11.24
C VAL A 52 8.92 -6.25 9.91
N GLU A 53 9.57 -5.84 8.83
CA GLU A 53 9.00 -5.96 7.50
C GLU A 53 8.66 -7.42 7.17
N LYS A 54 9.41 -8.34 7.77
CA LYS A 54 9.15 -9.76 7.60
C LYS A 54 7.82 -10.16 8.23
N LEU A 55 7.33 -9.32 9.15
CA LEU A 55 6.04 -9.56 9.79
C LEU A 55 4.96 -8.65 9.21
N LYS A 56 5.32 -7.91 8.17
CA LYS A 56 4.41 -6.93 7.57
C LYS A 56 3.92 -5.93 8.61
N GLN A 57 4.84 -5.47 9.45
CA GLN A 57 4.54 -4.39 10.39
C GLN A 57 5.19 -3.09 9.96
N GLY A 58 4.72 -1.99 10.52
CA GLY A 58 4.95 -0.67 9.93
C GLY A 58 3.64 -0.05 9.43
N ILE A 59 3.73 1.12 8.83
CA ILE A 59 2.55 1.83 8.34
C ILE A 59 1.88 1.05 7.22
N LEU A 60 0.60 0.73 7.42
CA LEU A 60 -0.10 -0.22 6.56
C LEU A 60 -1.14 0.48 5.70
N LEU A 61 -1.03 0.33 4.38
CA LEU A 61 -1.94 0.98 3.46
C LEU A 61 -2.89 -0.02 2.83
N VAL A 62 -4.18 0.16 3.07
CA VAL A 62 -5.21 -0.73 2.53
C VAL A 62 -6.30 0.04 1.81
N TYR A 63 -6.61 -0.36 0.58
CA TYR A 63 -7.73 0.20 -0.16
C TYR A 63 -8.52 -0.89 -0.88
N GLN A 64 -9.76 -0.57 -1.24
CA GLN A 64 -10.60 -1.50 -1.96
C GLN A 64 -11.05 -0.92 -3.29
N ILE A 65 -11.03 -1.74 -4.33
CA ILE A 65 -11.50 -1.33 -5.65
C ILE A 65 -12.05 -2.52 -6.44
N GLU A 66 -13.00 -2.24 -7.33
CA GLU A 66 -13.43 -3.23 -8.30
C GLU A 66 -12.50 -3.26 -9.51
N ALA A 67 -11.76 -4.36 -9.65
CA ALA A 67 -10.66 -4.42 -10.60
C ALA A 67 -10.38 -5.85 -11.03
N PRO A 68 -9.85 -6.01 -12.24
CA PRO A 68 -9.35 -7.30 -12.70
C PRO A 68 -8.03 -7.65 -12.02
N ALA A 69 -7.67 -8.93 -12.10
CA ALA A 69 -6.41 -9.39 -11.52
C ALA A 69 -5.22 -8.70 -12.16
N ASP A 70 -5.41 -8.20 -13.38
CA ASP A 70 -4.33 -7.57 -14.12
C ASP A 70 -3.71 -6.42 -13.34
N ARG A 71 -4.53 -5.79 -12.50
CA ARG A 71 -4.10 -4.61 -11.76
C ARG A 71 -2.92 -4.93 -10.85
N VAL A 72 -2.83 -6.19 -10.44
CA VAL A 72 -1.82 -6.62 -9.49
C VAL A 72 -0.42 -6.34 -10.01
N ASN A 73 -0.16 -6.73 -11.26
CA ASN A 73 1.15 -6.57 -11.85
C ASN A 73 1.52 -5.10 -12.00
N ASP A 74 0.54 -4.29 -12.37
CA ASP A 74 0.74 -2.84 -12.49
C ASP A 74 1.14 -2.22 -11.16
N LEU A 75 0.44 -2.61 -10.10
CA LEU A 75 0.70 -2.09 -8.76
C LEU A 75 2.06 -2.55 -8.25
N ALA A 76 2.35 -3.83 -8.41
CA ALA A 76 3.58 -4.42 -7.89
C ALA A 76 4.80 -3.72 -8.45
N ARG A 77 4.78 -3.44 -9.75
CA ARG A 77 5.91 -2.80 -10.42
C ARG A 77 6.11 -1.37 -9.91
N GLU A 78 5.01 -0.66 -9.71
CA GLU A 78 5.07 0.74 -9.32
C GLU A 78 5.46 0.88 -7.86
N LEU A 79 4.95 -0.01 -7.02
CA LEU A 79 5.12 0.10 -5.57
C LEU A 79 6.51 -0.40 -5.16
N ARG A 80 6.97 -1.45 -5.81
CA ARG A 80 8.19 -2.13 -5.40
C ARG A 80 9.43 -1.38 -5.85
N ILE A 81 9.22 -0.23 -6.50
CA ILE A 81 10.31 0.64 -6.89
C ILE A 81 10.29 1.94 -6.10
N LEU A 82 9.48 1.98 -5.05
CA LEU A 82 9.43 3.13 -4.15
C LEU A 82 10.18 2.86 -2.86
N ASP A 83 10.96 3.84 -2.42
CA ASP A 83 11.61 3.78 -1.12
C ASP A 83 10.58 3.73 0.00
N ALA A 84 9.37 4.22 -0.27
CA ALA A 84 8.29 4.23 0.70
C ALA A 84 7.91 2.80 1.11
N VAL A 85 8.00 1.88 0.15
CA VAL A 85 7.35 0.59 0.29
C VAL A 85 8.35 -0.49 0.69
N ARG A 86 7.99 -1.29 1.69
CA ARG A 86 8.82 -2.40 2.12
C ARG A 86 8.27 -3.73 1.63
N ARG A 87 6.95 -3.85 1.61
CA ARG A 87 6.30 -5.08 1.16
C ARG A 87 5.04 -4.77 0.35
N VAL A 88 4.84 -5.52 -0.72
CA VAL A 88 3.60 -5.44 -1.49
C VAL A 88 2.83 -6.76 -1.45
N GLU A 89 1.55 -6.66 -1.14
CA GLU A 89 0.68 -7.85 -1.12
C GLU A 89 -0.71 -7.51 -1.64
N THR A 90 -1.26 -8.41 -2.45
CA THR A 90 -2.59 -8.22 -3.01
C THR A 90 -3.50 -9.40 -2.73
N THR A 91 -4.80 -9.18 -2.74
CA THR A 91 -5.78 -10.25 -2.52
C THR A 91 -7.11 -9.91 -3.17
N TYR A 92 -8.09 -10.78 -2.98
CA TYR A 92 -9.39 -10.63 -3.62
C TYR A 92 -10.53 -10.89 -2.63
N ALA A 93 -11.71 -10.40 -2.96
CA ALA A 93 -12.89 -10.63 -2.15
C ALA A 93 -14.13 -10.90 -3.01
N ALA A 94 -15.11 -11.58 -2.44
CA ALA A 94 -16.37 -11.85 -3.13
C ALA A 94 -17.15 -10.55 -3.36
N ASP A 95 -18.01 -10.57 -4.38
CA ASP A 95 -18.84 -9.42 -4.69
C ASP A 95 -20.22 -9.56 -4.07
N SER A 1 -15.01 -4.74 -13.54
CA SER A 1 -14.58 -4.40 -12.19
C SER A 1 -14.44 -5.65 -11.32
N LYS A 2 -13.23 -5.86 -10.80
CA LYS A 2 -12.99 -6.92 -9.84
C LYS A 2 -12.56 -6.36 -8.49
N THR A 3 -12.60 -7.20 -7.46
CA THR A 3 -12.13 -6.81 -6.13
C THR A 3 -10.64 -7.03 -5.99
N PHE A 4 -9.92 -5.99 -5.60
CA PHE A 4 -8.47 -6.07 -5.42
C PHE A 4 -8.01 -5.25 -4.23
N GLU A 5 -7.25 -5.87 -3.34
CA GLU A 5 -6.76 -5.19 -2.15
C GLU A 5 -5.23 -5.27 -2.06
N VAL A 6 -4.62 -4.23 -1.52
CA VAL A 6 -3.17 -4.18 -1.37
C VAL A 6 -2.78 -3.80 0.05
N ASN A 7 -1.77 -4.48 0.58
CA ASN A 7 -1.23 -4.14 1.90
C ASN A 7 0.21 -3.66 1.80
N ILE A 8 0.43 -2.39 2.12
CA ILE A 8 1.75 -1.78 1.95
C ILE A 8 2.45 -1.63 3.29
N VAL A 9 3.70 -2.10 3.34
CA VAL A 9 4.52 -1.97 4.55
C VAL A 9 5.68 -1.01 4.33
N LEU A 10 5.75 0.03 5.15
CA LEU A 10 6.77 1.05 5.00
C LEU A 10 7.91 0.84 5.99
N ASN A 11 9.12 1.22 5.58
CA ASN A 11 10.30 1.07 6.42
C ASN A 11 10.16 1.87 7.70
N PRO A 12 10.55 1.27 8.82
CA PRO A 12 10.36 1.87 10.13
C PRO A 12 11.26 3.07 10.33
N ASN A 13 12.27 3.20 9.47
CA ASN A 13 13.31 4.21 9.64
C ASN A 13 12.96 5.50 8.89
N LEU A 14 11.74 5.55 8.37
CA LEU A 14 11.25 6.75 7.69
C LEU A 14 10.80 7.80 8.70
N ASP A 15 11.09 9.06 8.39
CA ASP A 15 10.61 10.18 9.19
C ASP A 15 9.13 10.44 8.96
N GLN A 16 8.53 11.26 9.82
CA GLN A 16 7.11 11.58 9.71
C GLN A 16 6.79 12.23 8.37
N LYS A 17 7.68 13.11 7.92
CA LYS A 17 7.52 13.75 6.62
C LYS A 17 7.63 12.75 5.48
N GLN A 18 8.56 11.81 5.61
CA GLN A 18 8.79 10.80 4.59
C GLN A 18 7.60 9.85 4.48
N LEU A 19 7.01 9.52 5.62
CA LEU A 19 5.82 8.69 5.65
C LEU A 19 4.64 9.39 5.00
N ALA A 20 4.53 10.69 5.24
CA ALA A 20 3.54 11.52 4.55
C ALA A 20 3.77 11.53 3.04
N GLN A 21 5.02 11.63 2.64
CA GLN A 21 5.39 11.54 1.23
C GLN A 21 5.08 10.17 0.66
N ALA A 22 5.30 9.13 1.46
CA ALA A 22 5.00 7.77 1.05
C ALA A 22 3.54 7.62 0.68
N LYS A 23 2.66 8.24 1.46
CA LYS A 23 1.24 8.27 1.15
C LYS A 23 0.96 8.93 -0.19
N GLU A 24 1.53 10.12 -0.38
CA GLU A 24 1.39 10.85 -1.64
C GLU A 24 1.85 10.02 -2.82
N LEU A 25 3.01 9.37 -2.67
CA LEU A 25 3.57 8.54 -3.72
C LEU A 25 2.65 7.37 -4.05
N ALA A 26 2.11 6.74 -3.01
CA ALA A 26 1.19 5.62 -3.19
C ALA A 26 -0.07 6.06 -3.92
N ILE A 27 -0.57 7.24 -3.59
CA ILE A 27 -1.75 7.79 -4.24
C ILE A 27 -1.50 8.01 -5.72
N LYS A 28 -0.37 8.63 -6.05
CA LYS A 28 -0.01 8.88 -7.44
C LYS A 28 0.18 7.58 -8.20
N ALA A 29 0.77 6.59 -7.55
CA ALA A 29 0.98 5.28 -8.16
C ALA A 29 -0.34 4.66 -8.56
N LEU A 30 -1.38 4.89 -7.76
CA LEU A 30 -2.70 4.32 -8.02
C LEU A 30 -3.55 5.26 -8.85
N LYS A 31 -3.30 6.56 -8.71
CA LYS A 31 -4.09 7.57 -9.40
C LYS A 31 -4.07 7.36 -10.91
N GLN A 32 -2.92 6.97 -11.43
CA GLN A 32 -2.75 6.78 -12.86
C GLN A 32 -3.66 5.69 -13.39
N TYR A 33 -4.17 4.86 -12.48
CA TYR A 33 -5.05 3.75 -12.86
C TYR A 33 -6.51 4.10 -12.60
N GLY A 34 -6.77 5.37 -12.35
CA GLY A 34 -8.14 5.86 -12.16
C GLY A 34 -8.64 5.55 -10.75
N ILE A 35 -7.70 5.34 -9.84
CA ILE A 35 -8.05 4.97 -8.46
C ILE A 35 -8.00 6.19 -7.54
N GLY A 36 -9.05 6.38 -6.76
CA GLY A 36 -9.16 7.55 -5.89
C GLY A 36 -8.47 7.30 -4.56
N VAL A 37 -8.86 8.07 -3.54
CA VAL A 37 -8.20 8.01 -2.25
C VAL A 37 -9.18 7.60 -1.14
N GLU A 38 -10.44 7.46 -1.50
CA GLU A 38 -11.49 7.22 -0.53
C GLU A 38 -11.35 5.83 0.08
N LYS A 39 -10.57 4.98 -0.57
CA LYS A 39 -10.40 3.59 -0.13
C LYS A 39 -9.01 3.35 0.43
N ILE A 40 -8.38 4.41 0.91
CA ILE A 40 -7.08 4.30 1.57
C ILE A 40 -7.23 4.37 3.09
N LYS A 41 -6.83 3.30 3.75
CA LYS A 41 -6.83 3.26 5.22
C LYS A 41 -5.42 3.21 5.77
N LEU A 42 -5.19 3.93 6.86
CA LEU A 42 -3.85 4.06 7.43
C LEU A 42 -3.74 3.32 8.75
N ILE A 43 -2.73 2.45 8.87
CA ILE A 43 -2.48 1.74 10.10
C ILE A 43 -1.05 1.96 10.58
N GLY A 44 -0.89 2.16 11.88
CA GLY A 44 0.41 2.48 12.46
C GLY A 44 1.30 1.24 12.52
N ASN A 45 1.98 1.05 13.65
CA ASN A 45 3.07 0.09 13.75
C ASN A 45 2.53 -1.33 13.89
N ALA A 46 2.04 -1.89 12.78
CA ALA A 46 1.56 -3.27 12.78
C ALA A 46 2.71 -4.25 12.83
N LYS A 47 3.35 -4.34 14.00
CA LYS A 47 4.62 -5.04 14.12
C LYS A 47 4.43 -6.55 14.02
N THR A 48 4.14 -7.02 12.81
CA THR A 48 4.03 -8.45 12.55
C THR A 48 5.36 -9.16 12.79
N VAL A 49 5.31 -10.24 13.57
CA VAL A 49 6.52 -10.95 13.97
C VAL A 49 7.37 -11.33 12.76
N GLU A 50 6.71 -11.79 11.71
CA GLU A 50 7.40 -12.18 10.48
C GLU A 50 8.23 -11.03 9.93
N ALA A 51 7.72 -9.81 10.08
CA ALA A 51 8.35 -8.63 9.51
C ALA A 51 9.50 -8.15 10.37
N VAL A 52 9.41 -8.39 11.67
CA VAL A 52 10.35 -7.82 12.63
C VAL A 52 11.79 -8.11 12.22
N GLU A 53 11.99 -9.20 11.48
CA GLU A 53 13.31 -9.58 11.02
C GLU A 53 14.06 -8.40 10.43
N LYS A 54 13.35 -7.57 9.68
CA LYS A 54 13.94 -6.38 9.07
C LYS A 54 13.15 -5.13 9.42
N LEU A 55 11.84 -5.29 9.57
CA LEU A 55 10.94 -4.15 9.76
C LEU A 55 10.25 -4.20 11.11
N LYS A 56 10.80 -3.48 12.08
CA LYS A 56 10.51 -3.74 13.48
C LYS A 56 9.30 -2.95 13.96
N GLN A 57 8.53 -2.42 13.00
CA GLN A 57 7.32 -1.67 13.31
C GLN A 57 6.15 -2.13 12.44
N GLY A 58 6.42 -2.30 11.15
CA GLY A 58 5.42 -2.84 10.23
C GLY A 58 4.37 -1.79 9.88
N ILE A 59 4.83 -0.59 9.55
CA ILE A 59 3.93 0.52 9.25
C ILE A 59 3.07 0.20 8.03
N LEU A 60 1.76 0.12 8.24
CA LEU A 60 0.88 -0.61 7.34
C LEU A 60 -0.15 0.31 6.72
N LEU A 61 -0.25 0.29 5.39
CA LEU A 61 -1.33 0.98 4.68
C LEU A 61 -2.19 -0.02 3.90
N VAL A 62 -3.50 0.18 3.94
CA VAL A 62 -4.43 -0.75 3.31
C VAL A 62 -5.24 -0.07 2.21
N TYR A 63 -5.21 -0.67 1.02
CA TYR A 63 -5.92 -0.11 -0.12
C TYR A 63 -7.00 -1.05 -0.63
N GLN A 64 -8.22 -0.54 -0.75
CA GLN A 64 -9.31 -1.31 -1.32
C GLN A 64 -9.70 -0.79 -2.70
N ILE A 65 -9.36 -1.55 -3.73
CA ILE A 65 -9.36 -1.05 -5.10
C ILE A 65 -10.42 -1.74 -5.95
N GLU A 66 -11.17 -0.96 -6.70
CA GLU A 66 -12.02 -1.51 -7.76
C GLU A 66 -11.33 -1.43 -9.12
N ALA A 67 -11.00 -2.58 -9.67
CA ALA A 67 -10.18 -2.64 -10.89
C ALA A 67 -10.33 -4.00 -11.58
N PRO A 68 -10.13 -4.01 -12.89
CA PRO A 68 -10.07 -5.26 -13.65
C PRO A 68 -8.85 -6.07 -13.28
N ALA A 69 -8.91 -7.38 -13.52
CA ALA A 69 -7.84 -8.28 -13.12
C ALA A 69 -6.52 -7.89 -13.78
N ASP A 70 -6.61 -7.26 -14.94
CA ASP A 70 -5.42 -6.94 -15.74
C ASP A 70 -4.45 -6.08 -14.94
N ARG A 71 -4.98 -5.24 -14.07
CA ARG A 71 -4.18 -4.22 -13.40
C ARG A 71 -3.52 -4.78 -12.14
N VAL A 72 -3.91 -5.99 -11.76
CA VAL A 72 -3.49 -6.56 -10.48
C VAL A 72 -1.98 -6.54 -10.34
N ASN A 73 -1.28 -7.01 -11.37
CA ASN A 73 0.17 -7.17 -11.31
C ASN A 73 0.87 -5.82 -11.25
N ASP A 74 0.30 -4.83 -11.94
CA ASP A 74 0.96 -3.54 -12.11
C ASP A 74 0.69 -2.63 -10.93
N LEU A 75 -0.49 -2.75 -10.33
CA LEU A 75 -0.84 -2.00 -9.14
C LEU A 75 0.11 -2.32 -7.99
N ALA A 76 0.36 -3.61 -7.79
CA ALA A 76 1.34 -4.05 -6.79
C ALA A 76 2.74 -3.58 -7.16
N ARG A 77 3.08 -3.66 -8.44
CA ARG A 77 4.41 -3.31 -8.90
C ARG A 77 4.73 -1.84 -8.63
N GLU A 78 3.85 -0.97 -9.11
CA GLU A 78 4.10 0.47 -9.05
C GLU A 78 4.26 0.95 -7.62
N LEU A 79 3.52 0.34 -6.71
CA LEU A 79 3.65 0.62 -5.28
C LEU A 79 4.93 0.02 -4.72
N ARG A 80 5.26 -1.18 -5.19
CA ARG A 80 6.41 -1.92 -4.67
C ARG A 80 7.71 -1.18 -4.95
N ILE A 81 7.76 -0.48 -6.08
CA ILE A 81 8.97 0.16 -6.54
C ILE A 81 9.08 1.59 -6.02
N LEU A 82 8.29 1.89 -4.99
CA LEU A 82 8.43 3.15 -4.27
C LEU A 82 9.49 3.05 -3.18
N ASP A 83 10.25 4.13 -3.00
CA ASP A 83 11.40 4.12 -2.09
C ASP A 83 10.97 3.79 -0.67
N ALA A 84 9.74 4.18 -0.32
CA ALA A 84 9.26 4.05 1.05
C ALA A 84 8.80 2.63 1.35
N VAL A 85 8.55 1.87 0.29
CA VAL A 85 7.85 0.59 0.41
C VAL A 85 8.83 -0.57 0.41
N ARG A 86 8.70 -1.46 1.38
CA ARG A 86 9.61 -2.60 1.53
C ARG A 86 8.91 -3.91 1.21
N ARG A 87 7.59 -3.94 1.40
CA ARG A 87 6.80 -5.14 1.15
C ARG A 87 5.42 -4.79 0.62
N VAL A 88 5.02 -5.47 -0.45
CA VAL A 88 3.65 -5.36 -0.95
C VAL A 88 2.96 -6.72 -1.00
N GLU A 89 1.87 -6.84 -0.28
CA GLU A 89 1.01 -8.02 -0.37
C GLU A 89 -0.32 -7.68 -1.03
N THR A 90 -0.93 -8.68 -1.65
CA THR A 90 -2.13 -8.47 -2.44
C THR A 90 -3.23 -9.47 -2.08
N THR A 91 -4.45 -9.18 -2.50
CA THR A 91 -5.51 -10.19 -2.57
C THR A 91 -6.45 -9.91 -3.73
N TYR A 92 -6.75 -10.95 -4.51
CA TYR A 92 -7.68 -10.84 -5.62
C TYR A 92 -8.93 -11.67 -5.39
N ALA A 93 -10.08 -11.08 -5.69
CA ALA A 93 -11.36 -11.78 -5.53
C ALA A 93 -12.38 -11.30 -6.57
N ALA A 94 -13.35 -12.16 -6.86
CA ALA A 94 -14.47 -11.77 -7.72
C ALA A 94 -15.51 -10.97 -6.95
N ASP A 95 -16.33 -10.21 -7.67
CA ASP A 95 -17.44 -9.49 -7.06
C ASP A 95 -18.77 -9.83 -7.75
N SER A 1 -13.11 -6.60 -14.39
CA SER A 1 -12.34 -6.22 -13.20
C SER A 1 -12.89 -6.91 -11.95
N LYS A 2 -12.03 -7.04 -10.94
CA LYS A 2 -12.43 -7.65 -9.68
C LYS A 2 -11.94 -6.85 -8.49
N THR A 3 -12.43 -7.20 -7.30
CA THR A 3 -11.99 -6.55 -6.07
C THR A 3 -10.69 -7.17 -5.56
N PHE A 4 -9.71 -6.32 -5.29
CA PHE A 4 -8.42 -6.78 -4.78
C PHE A 4 -8.06 -6.07 -3.48
N GLU A 5 -7.17 -6.67 -2.70
CA GLU A 5 -6.62 -6.03 -1.51
C GLU A 5 -5.13 -5.77 -1.67
N VAL A 6 -4.70 -4.57 -1.28
CA VAL A 6 -3.28 -4.22 -1.31
C VAL A 6 -2.81 -3.78 0.06
N ASN A 7 -1.64 -4.29 0.47
CA ASN A 7 -1.08 -3.98 1.78
C ASN A 7 0.32 -3.40 1.65
N ILE A 8 0.52 -2.20 2.18
CA ILE A 8 1.84 -1.57 2.18
C ILE A 8 2.44 -1.55 3.57
N VAL A 9 3.60 -2.16 3.72
CA VAL A 9 4.30 -2.20 5.00
C VAL A 9 5.26 -1.02 5.15
N LEU A 10 5.08 -0.25 6.23
CA LEU A 10 5.97 0.86 6.52
C LEU A 10 6.86 0.54 7.72
N ASN A 11 8.16 0.75 7.56
CA ASN A 11 9.13 0.47 8.61
C ASN A 11 8.85 1.31 9.86
N PRO A 12 8.89 0.66 11.02
CA PRO A 12 8.74 1.36 12.29
C PRO A 12 9.65 2.59 12.36
N ASN A 13 10.78 2.51 11.67
CA ASN A 13 11.79 3.57 11.73
C ASN A 13 11.73 4.46 10.50
N LEU A 14 10.67 4.29 9.71
CA LEU A 14 10.53 5.04 8.46
C LEU A 14 10.44 6.53 8.73
N ASP A 15 11.19 7.31 7.96
CA ASP A 15 11.22 8.76 8.12
C ASP A 15 9.84 9.37 7.86
N GLN A 16 9.58 10.50 8.49
CA GLN A 16 8.32 11.20 8.30
C GLN A 16 8.11 11.61 6.85
N LYS A 17 9.22 11.94 6.19
CA LYS A 17 9.17 12.32 4.78
C LYS A 17 8.88 11.12 3.89
N GLN A 18 9.49 10.00 4.21
CA GLN A 18 9.24 8.75 3.48
C GLN A 18 7.80 8.27 3.69
N LEU A 19 7.32 8.40 4.92
CA LEU A 19 5.94 8.07 5.23
C LEU A 19 4.97 8.91 4.40
N ALA A 20 5.17 10.22 4.40
CA ALA A 20 4.36 11.13 3.61
C ALA A 20 4.43 10.79 2.13
N GLN A 21 5.62 10.41 1.68
CA GLN A 21 5.82 10.01 0.28
C GLN A 21 5.01 8.76 -0.05
N ALA A 22 4.94 7.83 0.90
CA ALA A 22 4.17 6.60 0.72
C ALA A 22 2.70 6.89 0.46
N LYS A 23 2.16 7.88 1.18
CA LYS A 23 0.78 8.29 1.00
C LYS A 23 0.56 8.89 -0.37
N GLU A 24 1.34 9.93 -0.69
CA GLU A 24 1.22 10.62 -1.97
C GLU A 24 1.49 9.67 -3.14
N LEU A 25 2.51 8.82 -2.98
CA LEU A 25 2.89 7.89 -4.02
C LEU A 25 1.76 6.93 -4.34
N ALA A 26 1.17 6.34 -3.31
CA ALA A 26 0.06 5.41 -3.48
C ALA A 26 -1.12 6.09 -4.15
N ILE A 27 -1.43 7.30 -3.72
CA ILE A 27 -2.54 8.07 -4.28
C ILE A 27 -2.35 8.32 -5.76
N LYS A 28 -1.15 8.75 -6.14
CA LYS A 28 -0.82 8.96 -7.54
C LYS A 28 -0.85 7.65 -8.32
N ALA A 29 -0.30 6.60 -7.72
CA ALA A 29 -0.26 5.29 -8.36
C ALA A 29 -1.66 4.81 -8.71
N LEU A 30 -2.61 5.09 -7.83
CA LEU A 30 -4.01 4.72 -8.06
C LEU A 30 -4.61 5.53 -9.20
N LYS A 31 -4.47 6.86 -9.13
CA LYS A 31 -5.09 7.75 -10.09
C LYS A 31 -4.57 7.48 -11.49
N GLN A 32 -3.28 7.15 -11.60
CA GLN A 32 -2.64 6.96 -12.89
C GLN A 32 -3.30 5.82 -13.67
N TYR A 33 -3.87 4.87 -12.94
CA TYR A 33 -4.45 3.68 -13.55
C TYR A 33 -5.97 3.74 -13.52
N GLY A 34 -6.52 4.91 -13.23
CA GLY A 34 -7.95 5.13 -13.27
C GLY A 34 -8.64 4.46 -12.07
N ILE A 35 -7.90 4.31 -10.99
CA ILE A 35 -8.42 3.65 -9.79
C ILE A 35 -8.76 4.66 -8.70
N GLY A 36 -9.93 4.51 -8.10
CA GLY A 36 -10.41 5.45 -7.10
C GLY A 36 -9.49 5.46 -5.88
N VAL A 37 -9.52 6.57 -5.15
CA VAL A 37 -8.68 6.72 -3.97
C VAL A 37 -9.52 6.78 -2.69
N GLU A 38 -10.83 6.64 -2.85
CA GLU A 38 -11.74 6.62 -1.71
C GLU A 38 -11.64 5.31 -0.95
N LYS A 39 -10.86 4.38 -1.48
CA LYS A 39 -10.74 3.05 -0.89
C LYS A 39 -9.50 2.95 -0.01
N ILE A 40 -8.89 4.09 0.28
CA ILE A 40 -7.67 4.13 1.08
C ILE A 40 -7.99 4.07 2.57
N LYS A 41 -7.41 3.07 3.25
CA LYS A 41 -7.54 2.97 4.70
C LYS A 41 -6.18 2.96 5.38
N LEU A 42 -6.01 3.82 6.37
CA LEU A 42 -4.75 3.92 7.09
C LEU A 42 -4.82 3.19 8.43
N ILE A 43 -3.83 2.35 8.69
CA ILE A 43 -3.69 1.70 9.99
C ILE A 43 -2.35 2.03 10.64
N GLY A 44 -2.40 2.77 11.74
CA GLY A 44 -1.19 3.35 12.32
C GLY A 44 -0.58 2.42 13.35
N ASN A 45 -1.08 1.20 13.42
CA ASN A 45 -0.67 0.24 14.44
C ASN A 45 -0.72 -1.19 13.92
N ALA A 46 0.01 -1.45 12.86
CA ALA A 46 0.10 -2.80 12.29
C ALA A 46 1.29 -2.94 11.37
N LYS A 47 2.19 -3.87 11.71
CA LYS A 47 3.37 -4.13 10.90
C LYS A 47 3.00 -4.81 9.59
N THR A 48 2.14 -5.81 9.68
CA THR A 48 1.89 -6.73 8.56
C THR A 48 0.49 -6.56 8.00
N VAL A 49 -0.46 -7.29 8.57
CA VAL A 49 -1.83 -7.27 8.09
C VAL A 49 -2.82 -7.10 9.23
N GLU A 50 -2.32 -7.18 10.46
CA GLU A 50 -3.17 -7.22 11.64
C GLU A 50 -2.55 -6.45 12.79
N ALA A 51 -3.38 -5.68 13.49
CA ALA A 51 -2.92 -4.89 14.63
C ALA A 51 -2.72 -5.76 15.87
N VAL A 52 -1.61 -6.48 15.91
CA VAL A 52 -1.32 -7.37 17.04
C VAL A 52 -0.32 -6.72 17.99
N GLU A 53 -0.52 -6.95 19.28
CA GLU A 53 0.29 -6.29 20.31
C GLU A 53 1.76 -6.27 19.92
N LYS A 54 2.20 -7.32 19.26
CA LYS A 54 3.60 -7.43 18.83
C LYS A 54 3.82 -6.74 17.49
N LEU A 55 2.75 -6.65 16.69
CA LEU A 55 2.85 -6.11 15.35
C LEU A 55 2.38 -4.66 15.29
N LYS A 56 1.94 -4.15 16.43
CA LYS A 56 1.51 -2.75 16.53
C LYS A 56 2.71 -1.81 16.54
N GLN A 57 3.86 -2.34 16.17
CA GLN A 57 5.09 -1.55 16.14
C GLN A 57 5.25 -0.83 14.80
N GLY A 58 4.61 -1.37 13.77
CA GLY A 58 4.79 -0.87 12.40
C GLY A 58 3.54 -0.16 11.92
N ILE A 59 3.61 0.37 10.70
CA ILE A 59 2.47 1.06 10.09
C ILE A 59 2.03 0.38 8.81
N LEU A 60 0.72 0.30 8.60
CA LEU A 60 0.16 -0.44 7.49
C LEU A 60 -0.86 0.40 6.73
N LEU A 61 -0.72 0.43 5.40
CA LEU A 61 -1.72 1.03 4.54
C LEU A 61 -2.52 -0.04 3.79
N VAL A 62 -3.84 0.07 3.87
CA VAL A 62 -4.72 -0.92 3.25
C VAL A 62 -5.60 -0.29 2.18
N TYR A 63 -5.64 -0.93 1.01
CA TYR A 63 -6.47 -0.43 -0.09
C TYR A 63 -7.44 -1.49 -0.57
N GLN A 64 -8.65 -1.07 -0.92
CA GLN A 64 -9.56 -1.90 -1.69
C GLN A 64 -9.61 -1.47 -3.15
N ILE A 65 -9.15 -2.32 -4.05
CA ILE A 65 -8.90 -1.94 -5.44
C ILE A 65 -9.94 -2.55 -6.36
N GLU A 66 -10.51 -1.71 -7.23
CA GLU A 66 -11.43 -2.18 -8.27
C GLU A 66 -10.77 -2.14 -9.64
N ALA A 67 -10.16 -3.24 -10.05
CA ALA A 67 -9.26 -3.26 -11.18
C ALA A 67 -8.98 -4.67 -11.66
N PRO A 68 -8.59 -4.81 -12.93
CA PRO A 68 -8.01 -6.05 -13.42
C PRO A 68 -6.67 -6.34 -12.77
N ALA A 69 -6.35 -7.63 -12.63
CA ALA A 69 -5.20 -8.05 -11.85
C ALA A 69 -3.92 -7.37 -12.34
N ASP A 70 -3.86 -7.12 -13.65
CA ASP A 70 -2.68 -6.51 -14.25
C ASP A 70 -2.36 -5.16 -13.61
N ARG A 71 -3.40 -4.37 -13.38
CA ARG A 71 -3.23 -3.01 -12.86
C ARG A 71 -2.99 -3.03 -11.36
N VAL A 72 -3.41 -4.10 -10.70
CA VAL A 72 -3.22 -4.26 -9.27
C VAL A 72 -1.74 -4.47 -8.93
N ASN A 73 -1.08 -5.32 -9.71
CA ASN A 73 0.34 -5.56 -9.53
C ASN A 73 1.16 -4.34 -9.94
N ASP A 74 0.66 -3.60 -10.91
CA ASP A 74 1.32 -2.37 -11.35
C ASP A 74 1.41 -1.36 -10.22
N LEU A 75 0.36 -1.31 -9.40
CA LEU A 75 0.37 -0.48 -8.20
C LEU A 75 1.56 -0.83 -7.30
N ALA A 76 1.71 -2.12 -7.01
CA ALA A 76 2.82 -2.59 -6.18
C ALA A 76 4.17 -2.27 -6.82
N ARG A 77 4.25 -2.45 -8.13
CA ARG A 77 5.48 -2.16 -8.87
C ARG A 77 5.97 -0.75 -8.59
N GLU A 78 5.11 0.23 -8.82
CA GLU A 78 5.48 1.63 -8.68
C GLU A 78 5.84 1.95 -7.24
N LEU A 79 5.16 1.31 -6.30
CA LEU A 79 5.43 1.50 -4.88
C LEU A 79 6.78 0.93 -4.49
N ARG A 80 7.06 -0.29 -4.94
CA ARG A 80 8.25 -1.01 -4.52
C ARG A 80 9.51 -0.30 -4.97
N ILE A 81 9.42 0.42 -6.08
CA ILE A 81 10.58 1.10 -6.66
C ILE A 81 11.15 2.12 -5.68
N LEU A 82 10.27 2.78 -4.94
CA LEU A 82 10.66 3.90 -4.10
C LEU A 82 10.87 3.46 -2.66
N ASP A 83 11.75 4.16 -1.96
CA ASP A 83 12.06 3.83 -0.56
C ASP A 83 10.96 4.32 0.37
N ALA A 84 9.88 4.84 -0.21
CA ALA A 84 8.71 5.25 0.57
C ALA A 84 8.12 4.08 1.33
N VAL A 85 8.31 2.88 0.80
CA VAL A 85 7.71 1.68 1.37
C VAL A 85 8.77 0.63 1.68
N ARG A 86 8.44 -0.29 2.58
CA ARG A 86 9.31 -1.42 2.87
C ARG A 86 8.94 -2.63 2.03
N ARG A 87 7.65 -2.94 1.98
CA ARG A 87 7.17 -4.09 1.24
C ARG A 87 5.70 -3.94 0.87
N VAL A 88 5.36 -4.29 -0.38
CA VAL A 88 3.98 -4.23 -0.84
C VAL A 88 3.54 -5.59 -1.37
N GLU A 89 2.38 -6.05 -0.91
CA GLU A 89 1.80 -7.30 -1.38
C GLU A 89 0.40 -7.08 -1.95
N THR A 90 0.00 -7.94 -2.88
CA THR A 90 -1.34 -7.90 -3.44
C THR A 90 -2.04 -9.25 -3.32
N THR A 91 -3.36 -9.23 -3.38
CA THR A 91 -4.14 -10.47 -3.35
C THR A 91 -5.57 -10.23 -3.83
N TYR A 92 -6.22 -11.29 -4.27
CA TYR A 92 -7.65 -11.25 -4.57
C TYR A 92 -8.47 -11.02 -3.30
N ALA A 93 -9.56 -10.27 -3.44
CA ALA A 93 -10.48 -10.03 -2.33
C ALA A 93 -11.93 -10.20 -2.76
N ALA A 94 -12.79 -10.53 -1.80
CA ALA A 94 -14.19 -10.82 -2.09
C ALA A 94 -14.85 -9.66 -2.84
N ASP A 95 -15.61 -9.99 -3.86
CA ASP A 95 -16.30 -8.98 -4.67
C ASP A 95 -17.77 -8.88 -4.31
N SER A 1 -13.82 -11.25 -8.00
CA SER A 1 -12.71 -10.98 -8.89
C SER A 1 -12.40 -9.49 -8.97
N LYS A 2 -13.45 -8.67 -8.94
CA LYS A 2 -13.28 -7.23 -9.01
C LYS A 2 -12.90 -6.66 -7.65
N THR A 3 -13.36 -7.30 -6.59
CA THR A 3 -13.01 -6.89 -5.24
C THR A 3 -11.55 -7.22 -4.92
N PHE A 4 -10.77 -6.20 -4.62
CA PHE A 4 -9.32 -6.33 -4.56
C PHE A 4 -8.73 -5.46 -3.46
N GLU A 5 -7.71 -5.97 -2.78
CA GLU A 5 -7.09 -5.26 -1.67
C GLU A 5 -5.56 -5.32 -1.77
N VAL A 6 -4.92 -4.20 -1.46
CA VAL A 6 -3.46 -4.14 -1.42
C VAL A 6 -2.97 -3.81 -0.01
N ASN A 7 -1.96 -4.55 0.43
CA ASN A 7 -1.37 -4.31 1.75
C ASN A 7 0.11 -3.98 1.65
N ILE A 8 0.45 -2.73 1.95
CA ILE A 8 1.80 -2.23 1.74
C ILE A 8 2.57 -2.14 3.06
N VAL A 9 3.81 -2.63 3.05
CA VAL A 9 4.69 -2.45 4.18
C VAL A 9 5.66 -1.29 3.94
N LEU A 10 5.61 -0.29 4.81
CA LEU A 10 6.38 0.93 4.63
C LEU A 10 7.59 0.96 5.56
N ASN A 11 8.63 1.67 5.15
CA ASN A 11 9.85 1.75 5.93
C ASN A 11 9.57 2.24 7.35
N PRO A 12 10.14 1.55 8.33
CA PRO A 12 9.83 1.82 9.73
C PRO A 12 10.48 3.12 10.19
N ASN A 13 11.35 3.67 9.36
CA ASN A 13 12.14 4.85 9.73
C ASN A 13 11.49 6.13 9.23
N LEU A 14 10.26 6.01 8.73
CA LEU A 14 9.51 7.16 8.26
C LEU A 14 9.04 8.03 9.43
N ASP A 15 9.29 9.32 9.34
CA ASP A 15 8.69 10.28 10.26
C ASP A 15 7.35 10.78 9.73
N GLN A 16 6.80 11.79 10.42
CA GLN A 16 5.44 12.25 10.12
C GLN A 16 5.34 12.75 8.69
N LYS A 17 6.32 13.53 8.27
CA LYS A 17 6.32 14.13 6.94
C LYS A 17 6.64 13.10 5.86
N GLN A 18 7.62 12.25 6.14
CA GLN A 18 8.04 11.22 5.20
C GLN A 18 6.92 10.20 4.97
N LEU A 19 6.17 9.90 6.03
CA LEU A 19 5.05 8.98 5.94
C LEU A 19 3.93 9.56 5.10
N ALA A 20 3.68 10.85 5.27
CA ALA A 20 2.75 11.57 4.40
C ALA A 20 3.19 11.48 2.94
N GLN A 21 4.49 11.62 2.71
CA GLN A 21 5.05 11.48 1.37
C GLN A 21 4.88 10.06 0.85
N ALA A 22 5.01 9.09 1.75
CA ALA A 22 4.81 7.68 1.39
C ALA A 22 3.41 7.45 0.84
N LYS A 23 2.43 8.10 1.44
CA LYS A 23 1.06 8.07 0.91
C LYS A 23 0.99 8.68 -0.48
N GLU A 24 1.63 9.84 -0.64
CA GLU A 24 1.66 10.52 -1.93
C GLU A 24 2.29 9.64 -3.01
N LEU A 25 3.35 8.94 -2.63
CA LEU A 25 4.01 8.02 -3.55
C LEU A 25 3.07 6.91 -4.01
N ALA A 26 2.31 6.36 -3.07
CA ALA A 26 1.30 5.35 -3.39
C ALA A 26 0.24 5.92 -4.32
N ILE A 27 -0.16 7.16 -4.07
CA ILE A 27 -1.16 7.82 -4.90
C ILE A 27 -0.65 8.02 -6.33
N LYS A 28 0.61 8.40 -6.45
CA LYS A 28 1.22 8.61 -7.76
C LYS A 28 1.18 7.32 -8.58
N ALA A 29 1.28 6.18 -7.91
CA ALA A 29 1.09 4.90 -8.57
C ALA A 29 -0.37 4.71 -9.01
N LEU A 30 -1.30 5.02 -8.12
CA LEU A 30 -2.72 4.80 -8.38
C LEU A 30 -3.20 5.64 -9.56
N LYS A 31 -2.72 6.87 -9.63
CA LYS A 31 -3.21 7.82 -10.63
C LYS A 31 -2.95 7.30 -12.04
N GLN A 32 -1.91 6.50 -12.20
CA GLN A 32 -1.48 6.05 -13.52
C GLN A 32 -2.54 5.21 -14.20
N TYR A 33 -3.44 4.66 -13.40
CA TYR A 33 -4.45 3.72 -13.92
C TYR A 33 -5.85 4.28 -13.75
N GLY A 34 -5.94 5.57 -13.47
CA GLY A 34 -7.23 6.24 -13.31
C GLY A 34 -7.91 5.83 -12.01
N ILE A 35 -7.10 5.45 -11.02
CA ILE A 35 -7.62 4.95 -9.75
C ILE A 35 -7.69 6.07 -8.71
N GLY A 36 -8.80 6.13 -8.00
CA GLY A 36 -9.01 7.18 -7.00
C GLY A 36 -8.27 6.87 -5.71
N VAL A 37 -8.49 7.69 -4.69
CA VAL A 37 -7.70 7.62 -3.47
C VAL A 37 -8.58 7.59 -2.23
N GLU A 38 -9.83 7.17 -2.42
CA GLU A 38 -10.86 7.33 -1.40
C GLU A 38 -10.88 6.15 -0.43
N LYS A 39 -10.06 5.14 -0.74
CA LYS A 39 -10.07 3.91 0.04
C LYS A 39 -8.68 3.61 0.61
N ILE A 40 -7.96 4.66 0.97
CA ILE A 40 -6.62 4.52 1.54
C ILE A 40 -6.67 4.57 3.05
N LYS A 41 -6.17 3.52 3.69
CA LYS A 41 -6.08 3.46 5.15
C LYS A 41 -4.63 3.39 5.61
N LEU A 42 -4.23 4.36 6.42
CA LEU A 42 -2.87 4.40 6.94
C LEU A 42 -2.80 3.93 8.39
N ILE A 43 -1.93 2.96 8.65
CA ILE A 43 -1.83 2.37 9.97
C ILE A 43 -0.44 2.59 10.58
N GLY A 44 -0.37 3.43 11.59
CA GLY A 44 0.90 3.78 12.22
C GLY A 44 1.10 3.01 13.52
N ASN A 45 1.25 1.69 13.40
CA ASN A 45 1.42 0.85 14.57
C ASN A 45 2.83 0.94 15.13
N ALA A 46 2.95 0.86 16.45
CA ALA A 46 4.24 0.69 17.10
C ALA A 46 4.71 -0.75 17.00
N LYS A 47 6.02 -0.95 17.08
CA LYS A 47 6.60 -2.29 17.02
C LYS A 47 6.98 -2.80 18.41
N THR A 48 6.89 -4.11 18.60
CA THR A 48 7.36 -4.73 19.84
C THR A 48 8.81 -4.37 20.12
N VAL A 49 9.09 -3.98 21.35
CA VAL A 49 10.40 -3.43 21.71
C VAL A 49 11.52 -4.36 21.28
N GLU A 50 11.21 -5.65 21.20
CA GLU A 50 12.21 -6.65 20.82
C GLU A 50 12.72 -6.40 19.41
N ALA A 51 11.85 -5.92 18.54
CA ALA A 51 12.18 -5.75 17.13
C ALA A 51 12.49 -4.29 16.81
N VAL A 52 12.11 -3.40 17.72
CA VAL A 52 12.34 -1.97 17.53
C VAL A 52 13.82 -1.69 17.25
N GLU A 53 14.68 -2.59 17.69
CA GLU A 53 16.11 -2.43 17.48
C GLU A 53 16.45 -2.33 16.00
N LYS A 54 15.63 -2.97 15.17
CA LYS A 54 15.82 -2.94 13.72
C LYS A 54 14.64 -2.29 13.03
N LEU A 55 13.43 -2.63 13.49
CA LEU A 55 12.20 -2.11 12.88
C LEU A 55 11.44 -1.24 13.85
N LYS A 56 11.71 0.06 13.83
CA LYS A 56 11.24 0.96 14.87
C LYS A 56 9.73 1.03 14.91
N GLN A 57 9.10 0.86 13.76
CA GLN A 57 7.66 1.04 13.62
C GLN A 57 7.05 -0.03 12.74
N GLY A 58 5.81 -0.41 13.03
CA GLY A 58 5.09 -1.40 12.23
C GLY A 58 4.13 -0.75 11.26
N ILE A 59 4.66 0.12 10.40
CA ILE A 59 3.83 0.98 9.55
C ILE A 59 3.25 0.18 8.39
N LEU A 60 1.93 0.27 8.22
CA LEU A 60 1.25 -0.37 7.12
C LEU A 60 0.39 0.61 6.34
N LEU A 61 0.23 0.37 5.05
CA LEU A 61 -0.64 1.18 4.21
C LEU A 61 -1.52 0.32 3.31
N VAL A 62 -2.83 0.43 3.51
CA VAL A 62 -3.78 -0.48 2.87
C VAL A 62 -4.73 0.26 1.95
N TYR A 63 -4.93 -0.29 0.75
CA TYR A 63 -5.85 0.31 -0.21
C TYR A 63 -6.87 -0.72 -0.71
N GLN A 64 -8.13 -0.33 -0.74
CA GLN A 64 -9.19 -1.18 -1.25
C GLN A 64 -9.78 -0.61 -2.54
N ILE A 65 -10.13 -1.50 -3.47
CA ILE A 65 -10.65 -1.09 -4.77
C ILE A 65 -11.61 -2.13 -5.33
N GLU A 66 -12.55 -1.67 -6.14
CA GLU A 66 -13.33 -2.57 -6.99
C GLU A 66 -13.00 -2.36 -8.47
N ALA A 67 -12.20 -3.26 -9.02
CA ALA A 67 -11.62 -3.05 -10.35
C ALA A 67 -11.22 -4.38 -10.99
N PRO A 68 -11.11 -4.38 -12.31
CA PRO A 68 -10.67 -5.57 -13.03
C PRO A 68 -9.34 -6.07 -12.50
N ALA A 69 -9.20 -7.40 -12.45
CA ALA A 69 -7.99 -8.01 -11.93
C ALA A 69 -6.77 -7.66 -12.78
N ASP A 70 -7.02 -7.22 -14.01
CA ASP A 70 -5.96 -6.94 -14.96
C ASP A 70 -4.98 -5.91 -14.40
N ARG A 71 -5.49 -5.00 -13.58
CA ARG A 71 -4.71 -3.88 -13.09
C ARG A 71 -3.74 -4.30 -12.01
N VAL A 72 -3.95 -5.49 -11.45
CA VAL A 72 -3.26 -5.92 -10.25
C VAL A 72 -1.75 -6.00 -10.49
N ASN A 73 -1.36 -6.65 -11.58
CA ASN A 73 0.04 -6.91 -11.85
C ASN A 73 0.82 -5.61 -12.03
N ASP A 74 0.23 -4.66 -12.74
CA ASP A 74 0.90 -3.42 -13.05
C ASP A 74 0.97 -2.50 -11.84
N LEU A 75 -0.12 -2.45 -11.08
CA LEU A 75 -0.19 -1.63 -9.88
C LEU A 75 0.81 -2.08 -8.83
N ALA A 76 0.82 -3.39 -8.57
CA ALA A 76 1.73 -3.96 -7.58
C ALA A 76 3.18 -3.60 -7.90
N ARG A 77 3.54 -3.68 -9.18
CA ARG A 77 4.87 -3.29 -9.62
C ARG A 77 5.20 -1.86 -9.21
N GLU A 78 4.33 -0.93 -9.61
CA GLU A 78 4.59 0.50 -9.41
C GLU A 78 4.71 0.83 -7.92
N LEU A 79 3.92 0.14 -7.10
CA LEU A 79 3.93 0.38 -5.67
C LEU A 79 5.22 -0.13 -5.03
N ARG A 80 5.67 -1.30 -5.49
CA ARG A 80 6.82 -1.97 -4.88
C ARG A 80 8.11 -1.19 -5.12
N ILE A 81 8.13 -0.42 -6.21
CA ILE A 81 9.34 0.31 -6.60
C ILE A 81 9.30 1.74 -6.08
N LEU A 82 8.46 1.98 -5.09
CA LEU A 82 8.42 3.27 -4.40
C LEU A 82 9.44 3.32 -3.26
N ASP A 83 10.01 4.50 -3.03
CA ASP A 83 11.10 4.65 -2.08
C ASP A 83 10.68 4.24 -0.68
N ALA A 84 9.43 4.53 -0.34
CA ALA A 84 8.96 4.37 1.04
C ALA A 84 8.50 2.94 1.31
N VAL A 85 8.49 2.13 0.26
CA VAL A 85 7.85 0.82 0.32
C VAL A 85 8.90 -0.29 0.43
N ARG A 86 8.67 -1.23 1.36
CA ARG A 86 9.52 -2.40 1.49
C ARG A 86 8.92 -3.60 0.76
N ARG A 87 7.60 -3.74 0.85
CA ARG A 87 6.92 -4.91 0.32
C ARG A 87 5.44 -4.63 0.06
N VAL A 88 4.94 -5.14 -1.04
CA VAL A 88 3.50 -5.03 -1.36
C VAL A 88 2.89 -6.41 -1.56
N GLU A 89 1.86 -6.72 -0.78
CA GLU A 89 1.12 -7.95 -0.94
C GLU A 89 -0.30 -7.70 -1.42
N THR A 90 -0.87 -8.67 -2.12
CA THR A 90 -2.17 -8.50 -2.77
C THR A 90 -3.10 -9.67 -2.46
N THR A 91 -4.40 -9.46 -2.64
CA THR A 91 -5.38 -10.53 -2.50
C THR A 91 -6.67 -10.19 -3.21
N TYR A 92 -7.42 -11.22 -3.59
CA TYR A 92 -8.72 -11.03 -4.24
C TYR A 92 -9.87 -11.38 -3.30
N ALA A 93 -11.06 -10.92 -3.64
CA ALA A 93 -12.27 -11.34 -2.94
C ALA A 93 -13.47 -11.36 -3.88
N ALA A 94 -14.56 -11.97 -3.42
CA ALA A 94 -15.77 -12.07 -4.24
C ALA A 94 -16.33 -10.70 -4.57
N ASP A 95 -17.02 -10.60 -5.71
CA ASP A 95 -17.66 -9.36 -6.10
C ASP A 95 -18.87 -9.06 -5.23
N SER A 1 -14.61 -6.21 -13.95
CA SER A 1 -13.99 -5.34 -12.96
C SER A 1 -14.25 -5.83 -11.54
N LYS A 2 -13.62 -6.96 -11.20
CA LYS A 2 -13.78 -7.54 -9.87
C LYS A 2 -13.12 -6.66 -8.81
N THR A 3 -13.43 -6.92 -7.54
CA THR A 3 -12.83 -6.19 -6.44
C THR A 3 -11.55 -6.87 -5.96
N PHE A 4 -10.54 -6.05 -5.66
CA PHE A 4 -9.31 -6.56 -5.05
C PHE A 4 -8.72 -5.53 -4.08
N GLU A 5 -7.80 -5.99 -3.23
CA GLU A 5 -7.20 -5.13 -2.22
C GLU A 5 -5.67 -5.09 -2.38
N VAL A 6 -5.09 -3.93 -2.10
CA VAL A 6 -3.64 -3.79 -2.08
C VAL A 6 -3.15 -3.34 -0.71
N ASN A 7 -2.17 -4.06 -0.18
CA ASN A 7 -1.63 -3.76 1.14
C ASN A 7 -0.21 -3.22 1.04
N ILE A 8 -0.02 -1.98 1.46
CA ILE A 8 1.28 -1.32 1.38
C ILE A 8 1.88 -1.11 2.76
N VAL A 9 3.14 -1.52 2.92
CA VAL A 9 3.85 -1.32 4.18
C VAL A 9 5.01 -0.35 4.01
N LEU A 10 5.03 0.71 4.82
CA LEU A 10 6.08 1.71 4.74
C LEU A 10 7.09 1.55 5.87
N ASN A 11 8.27 2.14 5.70
CA ASN A 11 9.32 2.04 6.70
C ASN A 11 9.11 3.07 7.81
N PRO A 12 8.87 2.57 9.01
CA PRO A 12 8.59 3.45 10.16
C PRO A 12 9.76 4.38 10.42
N ASN A 13 10.93 4.02 9.93
CA ASN A 13 12.15 4.77 10.21
C ASN A 13 12.15 6.10 9.45
N LEU A 14 11.19 6.26 8.56
CA LEU A 14 11.00 7.53 7.87
C LEU A 14 10.39 8.58 8.78
N ASP A 15 10.83 9.83 8.62
CA ASP A 15 10.32 10.93 9.43
C ASP A 15 9.01 11.46 8.89
N GLN A 16 8.49 12.50 9.53
CA GLN A 16 7.14 12.96 9.28
C GLN A 16 6.96 13.39 7.83
N LYS A 17 7.96 14.09 7.30
CA LYS A 17 7.90 14.57 5.93
C LYS A 17 8.06 13.43 4.93
N GLN A 18 8.97 12.51 5.23
CA GLN A 18 9.22 11.37 4.36
C GLN A 18 8.01 10.46 4.28
N LEU A 19 7.35 10.26 5.42
CA LEU A 19 6.14 9.44 5.48
C LEU A 19 5.00 10.09 4.69
N ALA A 20 4.89 11.40 4.81
CA ALA A 20 3.92 12.16 4.01
C ALA A 20 4.17 11.99 2.53
N GLN A 21 5.44 12.06 2.13
CA GLN A 21 5.82 11.83 0.75
C GLN A 21 5.58 10.38 0.34
N ALA A 22 5.88 9.46 1.26
CA ALA A 22 5.67 8.04 1.00
C ALA A 22 4.21 7.73 0.70
N LYS A 23 3.30 8.37 1.45
CA LYS A 23 1.87 8.21 1.22
C LYS A 23 1.46 8.82 -0.12
N GLU A 24 1.97 10.00 -0.41
CA GLU A 24 1.71 10.66 -1.68
C GLU A 24 2.12 9.79 -2.86
N LEU A 25 3.31 9.22 -2.76
CA LEU A 25 3.82 8.33 -3.80
C LEU A 25 2.96 7.08 -3.92
N ALA A 26 2.57 6.52 -2.78
CA ALA A 26 1.73 5.33 -2.76
C ALA A 26 0.40 5.59 -3.45
N ILE A 27 -0.14 6.79 -3.25
CA ILE A 27 -1.42 7.16 -3.84
C ILE A 27 -1.28 7.41 -5.34
N LYS A 28 -0.28 8.20 -5.71
CA LYS A 28 -0.02 8.50 -7.12
C LYS A 28 0.23 7.23 -7.92
N ALA A 29 0.86 6.24 -7.28
CA ALA A 29 1.13 4.96 -7.93
C ALA A 29 -0.17 4.27 -8.32
N LEU A 30 -1.27 4.65 -7.67
CA LEU A 30 -2.58 4.11 -8.00
C LEU A 30 -3.29 4.96 -9.03
N LYS A 31 -3.22 6.27 -8.86
CA LYS A 31 -3.97 7.20 -9.71
C LYS A 31 -3.55 7.08 -11.16
N GLN A 32 -2.28 6.73 -11.38
CA GLN A 32 -1.75 6.61 -12.73
C GLN A 32 -2.50 5.55 -13.53
N TYR A 33 -3.20 4.67 -12.82
CA TYR A 33 -3.98 3.61 -13.46
C TYR A 33 -5.46 3.95 -13.46
N GLY A 34 -5.79 5.17 -13.08
CA GLY A 34 -7.18 5.62 -13.02
C GLY A 34 -7.85 5.12 -11.75
N ILE A 35 -7.06 4.79 -10.75
CA ILE A 35 -7.57 4.27 -9.49
C ILE A 35 -7.48 5.30 -8.39
N GLY A 36 -8.62 5.57 -7.75
CA GLY A 36 -8.68 6.56 -6.68
C GLY A 36 -8.50 5.91 -5.31
N VAL A 37 -8.80 6.66 -4.26
CA VAL A 37 -8.61 6.18 -2.89
C VAL A 37 -9.91 6.25 -2.10
N GLU A 38 -11.01 5.87 -2.75
CA GLU A 38 -12.34 6.03 -2.17
C GLU A 38 -12.51 5.18 -0.92
N LYS A 39 -11.94 3.97 -0.96
CA LYS A 39 -12.16 2.99 0.11
C LYS A 39 -10.84 2.49 0.67
N ILE A 40 -10.33 3.18 1.68
CA ILE A 40 -9.01 2.89 2.22
C ILE A 40 -9.04 2.79 3.74
N LYS A 41 -8.08 2.05 4.30
CA LYS A 41 -7.85 2.05 5.74
C LYS A 41 -6.37 2.13 6.07
N LEU A 42 -5.99 3.13 6.85
CA LEU A 42 -4.58 3.44 7.09
C LEU A 42 -4.19 3.14 8.52
N ILE A 43 -3.17 2.30 8.68
CA ILE A 43 -2.66 1.96 10.01
C ILE A 43 -1.20 2.35 10.16
N GLY A 44 -0.89 3.06 11.24
CA GLY A 44 0.46 3.56 11.47
C GLY A 44 1.36 2.47 12.04
N ASN A 45 2.56 2.85 12.44
CA ASN A 45 3.57 1.90 12.91
C ASN A 45 3.18 1.31 14.26
N ALA A 46 3.76 0.17 14.59
CA ALA A 46 3.46 -0.49 15.86
C ALA A 46 4.73 -1.11 16.46
N LYS A 47 5.68 -1.44 15.60
CA LYS A 47 6.86 -2.18 16.00
C LYS A 47 8.03 -1.26 16.33
N THR A 48 8.93 -1.73 17.18
CA THR A 48 10.05 -0.91 17.63
C THR A 48 10.90 -0.46 16.44
N VAL A 49 11.19 0.84 16.40
CA VAL A 49 11.94 1.41 15.28
C VAL A 49 13.32 0.79 15.17
N GLU A 50 14.02 1.09 14.07
CA GLU A 50 15.34 0.53 13.83
C GLU A 50 15.26 -0.97 13.53
N ALA A 51 14.67 -1.71 14.46
CA ALA A 51 14.47 -3.15 14.26
C ALA A 51 13.61 -3.42 13.04
N VAL A 52 12.84 -2.42 12.63
CA VAL A 52 11.92 -2.56 11.51
C VAL A 52 12.67 -2.81 10.20
N GLU A 53 13.99 -2.65 10.24
CA GLU A 53 14.84 -2.95 9.10
C GLU A 53 14.87 -4.44 8.81
N LYS A 54 14.71 -5.24 9.86
CA LYS A 54 14.78 -6.69 9.74
C LYS A 54 13.46 -7.34 10.13
N LEU A 55 12.75 -6.71 11.06
CA LEU A 55 11.51 -7.27 11.59
C LEU A 55 10.29 -6.52 11.05
N LYS A 56 9.13 -6.87 11.56
CA LYS A 56 7.88 -6.26 11.10
C LYS A 56 7.87 -4.75 11.36
N GLN A 57 7.13 -4.02 10.53
CA GLN A 57 7.10 -2.57 10.62
C GLN A 57 5.94 -2.09 11.48
N GLY A 58 4.77 -2.68 11.27
CA GLY A 58 3.55 -2.21 11.91
C GLY A 58 2.67 -1.45 10.93
N ILE A 59 3.29 -0.69 10.04
CA ILE A 59 2.57 0.18 9.13
C ILE A 59 1.83 -0.64 8.06
N LEU A 60 0.55 -0.33 7.86
CA LEU A 60 -0.25 -1.04 6.87
C LEU A 60 -1.26 -0.10 6.23
N LEU A 61 -1.15 0.07 4.91
CA LEU A 61 -2.09 0.90 4.16
C LEU A 61 -2.94 0.04 3.23
N VAL A 62 -4.23 -0.07 3.57
CA VAL A 62 -5.14 -0.95 2.82
C VAL A 62 -5.95 -0.15 1.81
N TYR A 63 -5.78 -0.46 0.53
CA TYR A 63 -6.55 0.19 -0.53
C TYR A 63 -7.52 -0.79 -1.18
N GLN A 64 -8.81 -0.49 -1.07
CA GLN A 64 -9.84 -1.33 -1.66
C GLN A 64 -10.25 -0.82 -3.03
N ILE A 65 -9.97 -1.61 -4.07
CA ILE A 65 -10.03 -1.12 -5.44
C ILE A 65 -11.04 -1.92 -6.26
N GLU A 66 -11.86 -1.20 -7.03
CA GLU A 66 -12.82 -1.84 -7.92
C GLU A 66 -12.39 -1.69 -9.38
N ALA A 67 -11.73 -2.71 -9.90
CA ALA A 67 -11.05 -2.61 -11.19
C ALA A 67 -10.60 -3.97 -11.70
N PRO A 68 -10.35 -4.07 -13.00
CA PRO A 68 -9.86 -5.30 -13.59
C PRO A 68 -8.65 -5.84 -12.83
N ALA A 69 -8.65 -7.15 -12.57
CA ALA A 69 -7.62 -7.77 -11.76
C ALA A 69 -6.28 -7.73 -12.47
N ASP A 70 -6.31 -7.51 -13.78
CA ASP A 70 -5.09 -7.44 -14.59
C ASP A 70 -4.15 -6.36 -14.07
N ARG A 71 -4.71 -5.34 -13.43
CA ARG A 71 -3.93 -4.20 -12.97
C ARG A 71 -3.09 -4.56 -11.75
N VAL A 72 -3.45 -5.65 -11.09
CA VAL A 72 -2.85 -6.00 -9.81
C VAL A 72 -1.34 -6.18 -9.95
N ASN A 73 -0.92 -6.87 -11.00
CA ASN A 73 0.50 -7.15 -11.22
C ASN A 73 1.29 -5.86 -11.40
N ASP A 74 0.74 -4.93 -12.16
CA ASP A 74 1.41 -3.67 -12.43
C ASP A 74 1.39 -2.75 -11.21
N LEU A 75 0.28 -2.80 -10.47
CA LEU A 75 0.15 -2.02 -9.24
C LEU A 75 1.21 -2.42 -8.22
N ALA A 76 1.34 -3.72 -7.99
CA ALA A 76 2.33 -4.24 -7.05
C ALA A 76 3.74 -3.88 -7.48
N ARG A 77 4.00 -3.97 -8.79
CA ARG A 77 5.32 -3.66 -9.33
C ARG A 77 5.76 -2.26 -8.94
N GLU A 78 4.96 -1.27 -9.32
CA GLU A 78 5.34 0.12 -9.13
C GLU A 78 5.47 0.47 -7.65
N LEU A 79 4.58 -0.09 -6.84
CA LEU A 79 4.56 0.20 -5.42
C LEU A 79 5.79 -0.37 -4.72
N ARG A 80 6.23 -1.53 -5.16
CA ARG A 80 7.40 -2.19 -4.60
C ARG A 80 8.68 -1.46 -4.99
N ILE A 81 8.67 -0.84 -6.16
CA ILE A 81 9.80 -0.05 -6.62
C ILE A 81 10.04 1.16 -5.72
N LEU A 82 8.96 1.77 -5.27
CA LEU A 82 9.05 2.95 -4.41
C LEU A 82 9.97 2.69 -3.22
N ASP A 83 10.94 3.58 -3.04
CA ASP A 83 11.98 3.38 -2.03
C ASP A 83 11.38 3.35 -0.63
N ALA A 84 10.26 4.06 -0.45
CA ALA A 84 9.68 4.25 0.88
C ALA A 84 8.90 3.02 1.31
N VAL A 85 8.69 2.09 0.38
CA VAL A 85 7.81 0.95 0.60
C VAL A 85 8.61 -0.32 0.88
N ARG A 86 8.31 -0.97 2.00
CA ARG A 86 9.04 -2.15 2.42
C ARG A 86 8.44 -3.42 1.82
N ARG A 87 7.11 -3.46 1.76
CA ARG A 87 6.41 -4.68 1.38
C ARG A 87 5.05 -4.36 0.76
N VAL A 88 4.76 -5.00 -0.37
CA VAL A 88 3.44 -4.89 -0.98
C VAL A 88 2.84 -6.26 -1.27
N GLU A 89 1.63 -6.48 -0.78
CA GLU A 89 0.91 -7.72 -1.05
C GLU A 89 -0.49 -7.44 -1.60
N THR A 90 -1.01 -8.38 -2.38
CA THR A 90 -2.30 -8.20 -3.03
C THR A 90 -3.19 -9.43 -2.87
N THR A 91 -4.49 -9.23 -3.01
CA THR A 91 -5.41 -10.34 -3.20
C THR A 91 -6.63 -9.91 -4.02
N TYR A 92 -7.00 -10.74 -4.99
CA TYR A 92 -8.03 -10.37 -5.95
C TYR A 92 -8.97 -11.54 -6.23
N ALA A 93 -10.19 -11.23 -6.63
CA ALA A 93 -11.05 -12.20 -7.31
C ALA A 93 -10.83 -12.17 -8.82
N ALA A 94 -10.66 -13.35 -9.41
CA ALA A 94 -10.31 -13.45 -10.82
C ALA A 94 -11.30 -12.68 -11.69
N ASP A 95 -10.76 -11.84 -12.57
CA ASP A 95 -11.59 -10.98 -13.42
C ASP A 95 -11.68 -11.54 -14.84
N SER A 1 -15.15 -6.75 -12.80
CA SER A 1 -14.50 -5.90 -11.79
C SER A 1 -14.49 -6.59 -10.44
N LYS A 2 -13.44 -7.37 -10.18
CA LYS A 2 -13.34 -8.13 -8.94
C LYS A 2 -12.80 -7.26 -7.81
N THR A 3 -13.17 -7.61 -6.58
CA THR A 3 -12.64 -6.94 -5.40
C THR A 3 -11.20 -7.33 -5.14
N PHE A 4 -10.32 -6.33 -5.06
CA PHE A 4 -8.89 -6.57 -4.92
C PHE A 4 -8.25 -5.56 -3.98
N GLU A 5 -7.36 -6.05 -3.12
CA GLU A 5 -6.73 -5.20 -2.10
C GLU A 5 -5.22 -5.39 -2.12
N VAL A 6 -4.50 -4.30 -1.84
CA VAL A 6 -3.05 -4.35 -1.71
C VAL A 6 -2.59 -3.85 -0.34
N ASN A 7 -1.70 -4.58 0.29
CA ASN A 7 -1.19 -4.20 1.61
C ASN A 7 0.27 -3.77 1.54
N ILE A 8 0.51 -2.51 1.89
CA ILE A 8 1.83 -1.91 1.72
C ILE A 8 2.53 -1.72 3.07
N VAL A 9 3.70 -2.31 3.20
CA VAL A 9 4.48 -2.20 4.43
C VAL A 9 5.62 -1.20 4.28
N LEU A 10 5.58 -0.14 5.07
CA LEU A 10 6.48 1.00 4.87
C LEU A 10 7.70 0.90 5.77
N ASN A 11 8.84 1.37 5.27
CA ASN A 11 10.08 1.32 6.03
C ASN A 11 9.91 1.92 7.41
N PRO A 12 10.46 1.24 8.42
CA PRO A 12 10.21 1.59 9.80
C PRO A 12 11.13 2.72 10.26
N ASN A 13 11.95 3.22 9.35
CA ASN A 13 12.91 4.26 9.66
C ASN A 13 12.44 5.61 9.14
N LEU A 14 11.20 5.66 8.66
CA LEU A 14 10.66 6.87 8.05
C LEU A 14 10.17 7.86 9.10
N ASP A 15 10.47 9.13 8.89
CA ASP A 15 9.86 10.20 9.69
C ASP A 15 8.47 10.55 9.18
N GLN A 16 7.77 11.38 9.94
CA GLN A 16 6.41 11.77 9.59
C GLN A 16 6.37 12.44 8.22
N LYS A 17 7.36 13.29 7.95
CA LYS A 17 7.45 13.98 6.67
C LYS A 17 7.71 12.99 5.54
N GLN A 18 8.56 12.00 5.81
CA GLN A 18 8.90 10.99 4.81
C GLN A 18 7.72 10.07 4.54
N LEU A 19 6.94 9.79 5.57
CA LEU A 19 5.72 9.00 5.43
C LEU A 19 4.71 9.73 4.56
N ALA A 20 4.61 11.04 4.72
CA ALA A 20 3.78 11.86 3.86
C ALA A 20 4.21 11.75 2.40
N GLN A 21 5.53 11.75 2.18
CA GLN A 21 6.08 11.57 0.85
C GLN A 21 5.75 10.18 0.29
N ALA A 22 5.83 9.18 1.15
CA ALA A 22 5.48 7.82 0.77
C ALA A 22 4.03 7.74 0.29
N LYS A 23 3.15 8.47 0.96
CA LYS A 23 1.75 8.52 0.56
C LYS A 23 1.59 9.19 -0.80
N GLU A 24 2.28 10.31 -0.99
CA GLU A 24 2.19 11.06 -2.24
C GLU A 24 2.63 10.20 -3.43
N LEU A 25 3.69 9.41 -3.22
CA LEU A 25 4.18 8.51 -4.26
C LEU A 25 3.11 7.49 -4.65
N ALA A 26 2.45 6.91 -3.67
CA ALA A 26 1.37 5.97 -3.91
C ALA A 26 0.19 6.64 -4.58
N ILE A 27 -0.19 7.81 -4.06
CA ILE A 27 -1.38 8.51 -4.53
C ILE A 27 -1.29 8.81 -6.01
N LYS A 28 -0.12 9.27 -6.45
CA LYS A 28 0.11 9.58 -7.86
C LYS A 28 -0.14 8.36 -8.74
N ALA A 29 0.23 7.19 -8.24
CA ALA A 29 -0.06 5.93 -8.93
C ALA A 29 -1.52 5.57 -8.81
N LEU A 30 -2.09 5.74 -7.62
CA LEU A 30 -3.43 5.26 -7.33
C LEU A 30 -4.46 5.99 -8.19
N LYS A 31 -4.26 7.29 -8.38
CA LYS A 31 -5.18 8.10 -9.17
C LYS A 31 -5.30 7.56 -10.59
N GLN A 32 -4.18 7.04 -11.12
CA GLN A 32 -4.16 6.49 -12.47
C GLN A 32 -4.96 5.20 -12.55
N TYR A 33 -4.92 4.41 -11.48
CA TYR A 33 -5.62 3.13 -11.43
C TYR A 33 -7.09 3.33 -11.11
N GLY A 34 -7.42 4.45 -10.48
CA GLY A 34 -8.80 4.79 -10.17
C GLY A 34 -9.14 4.47 -8.72
N ILE A 35 -8.13 4.53 -7.86
CA ILE A 35 -8.32 4.30 -6.44
C ILE A 35 -8.33 5.61 -5.65
N GLY A 36 -9.48 5.96 -5.10
CA GLY A 36 -9.65 7.23 -4.42
C GLY A 36 -9.66 7.07 -2.91
N VAL A 37 -9.96 8.15 -2.20
CA VAL A 37 -9.87 8.16 -0.74
C VAL A 37 -10.79 7.10 -0.13
N GLU A 38 -11.95 6.92 -0.74
CA GLU A 38 -12.98 6.05 -0.19
C GLU A 38 -12.50 4.61 -0.12
N LYS A 39 -11.48 4.29 -0.92
CA LYS A 39 -11.01 2.92 -1.04
C LYS A 39 -9.62 2.76 -0.40
N ILE A 40 -9.21 3.77 0.35
CA ILE A 40 -7.88 3.77 0.97
C ILE A 40 -7.99 3.77 2.49
N LYS A 41 -7.30 2.83 3.13
CA LYS A 41 -7.17 2.82 4.58
C LYS A 41 -5.70 2.91 5.00
N LEU A 42 -5.48 3.38 6.23
CA LEU A 42 -4.13 3.56 6.73
C LEU A 42 -4.07 3.36 8.24
N ILE A 43 -2.98 2.79 8.72
CA ILE A 43 -2.66 2.82 10.15
C ILE A 43 -1.24 3.34 10.38
N GLY A 44 -1.12 4.28 11.32
CA GLY A 44 0.17 4.92 11.60
C GLY A 44 1.03 4.05 12.49
N ASN A 45 2.03 4.66 13.12
CA ASN A 45 3.04 3.91 13.86
C ASN A 45 2.51 3.51 15.24
N ALA A 46 1.43 2.75 15.25
CA ALA A 46 0.80 2.33 16.50
C ALA A 46 1.49 1.11 17.09
N LYS A 47 2.24 0.41 16.26
CA LYS A 47 2.84 -0.87 16.65
C LYS A 47 1.77 -1.87 17.05
N THR A 48 0.59 -1.75 16.43
CA THR A 48 -0.51 -2.66 16.70
C THR A 48 -0.91 -3.43 15.45
N VAL A 49 -0.02 -3.44 14.46
CA VAL A 49 -0.30 -4.08 13.18
C VAL A 49 0.72 -5.17 12.87
N GLU A 50 0.25 -6.27 12.29
CA GLU A 50 1.10 -7.43 12.04
C GLU A 50 2.34 -7.03 11.25
N ALA A 51 2.33 -5.81 10.71
CA ALA A 51 3.46 -5.30 9.93
C ALA A 51 4.73 -5.28 10.77
N VAL A 52 4.58 -5.30 12.08
CA VAL A 52 5.71 -5.29 13.00
C VAL A 52 6.49 -6.60 12.92
N GLU A 53 6.03 -7.50 12.06
CA GLU A 53 6.85 -8.63 11.62
C GLU A 53 8.14 -8.15 10.97
N LYS A 54 8.06 -7.03 10.26
CA LYS A 54 9.24 -6.44 9.62
C LYS A 54 9.53 -5.06 10.19
N LEU A 55 8.48 -4.40 10.70
CA LEU A 55 8.60 -3.01 11.12
C LEU A 55 8.80 -2.92 12.63
N LYS A 56 9.28 -1.76 13.09
CA LYS A 56 9.21 -1.41 14.50
C LYS A 56 8.16 -0.33 14.75
N GLN A 57 7.37 -0.05 13.73
CA GLN A 57 6.37 1.02 13.81
C GLN A 57 4.97 0.49 13.60
N GLY A 58 4.84 -0.53 12.76
CA GLY A 58 3.55 -1.17 12.50
C GLY A 58 2.72 -0.37 11.52
N ILE A 59 3.40 0.39 10.66
CA ILE A 59 2.73 1.22 9.67
C ILE A 59 2.25 0.39 8.49
N LEU A 60 0.99 0.58 8.12
CA LEU A 60 0.38 -0.20 7.05
C LEU A 60 -0.59 0.63 6.23
N LEU A 61 -0.43 0.60 4.91
CA LEU A 61 -1.40 1.21 4.01
C LEU A 61 -2.14 0.15 3.20
N VAL A 62 -3.45 0.33 3.04
CA VAL A 62 -4.27 -0.63 2.31
C VAL A 62 -5.04 0.06 1.19
N TYR A 63 -4.89 -0.44 -0.03
CA TYR A 63 -5.56 0.14 -1.19
C TYR A 63 -6.55 -0.84 -1.80
N GLN A 64 -7.81 -0.43 -1.88
CA GLN A 64 -8.87 -1.27 -2.43
C GLN A 64 -9.30 -0.80 -3.81
N ILE A 65 -9.55 -1.75 -4.70
CA ILE A 65 -10.02 -1.43 -6.05
C ILE A 65 -11.07 -2.44 -6.51
N GLU A 66 -11.99 -1.99 -7.34
CA GLU A 66 -12.90 -2.89 -8.05
C GLU A 66 -12.55 -2.96 -9.53
N ALA A 67 -11.80 -3.98 -9.91
CA ALA A 67 -11.14 -4.01 -11.21
C ALA A 67 -10.74 -5.43 -11.60
N PRO A 68 -10.50 -5.63 -12.88
CA PRO A 68 -10.02 -6.91 -13.38
C PRO A 68 -8.80 -7.39 -12.59
N ALA A 69 -8.71 -8.70 -12.37
CA ALA A 69 -7.67 -9.26 -11.53
C ALA A 69 -6.28 -8.93 -12.07
N ASP A 70 -6.22 -8.65 -13.37
CA ASP A 70 -4.94 -8.40 -14.03
C ASP A 70 -4.19 -7.25 -13.37
N ARG A 71 -4.94 -6.37 -12.72
CA ARG A 71 -4.36 -5.18 -12.10
C ARG A 71 -3.32 -5.55 -11.04
N VAL A 72 -3.41 -6.79 -10.56
CA VAL A 72 -2.51 -7.26 -9.50
C VAL A 72 -1.06 -6.95 -9.85
N ASN A 73 -0.72 -7.04 -11.12
CA ASN A 73 0.66 -6.89 -11.57
C ASN A 73 1.08 -5.43 -11.54
N ASP A 74 0.23 -4.56 -12.08
CA ASP A 74 0.57 -3.14 -12.24
C ASP A 74 0.48 -2.41 -10.90
N LEU A 75 -0.52 -2.75 -10.10
CA LEU A 75 -0.68 -2.14 -8.78
C LEU A 75 0.49 -2.47 -7.88
N ALA A 76 0.89 -3.74 -7.88
CA ALA A 76 2.03 -4.18 -7.08
C ALA A 76 3.33 -3.53 -7.55
N ARG A 77 3.50 -3.45 -8.86
CA ARG A 77 4.73 -2.93 -9.44
C ARG A 77 5.01 -1.52 -8.94
N GLU A 78 4.07 -0.62 -9.16
CA GLU A 78 4.29 0.81 -8.93
C GLU A 78 4.61 1.08 -7.46
N LEU A 79 4.16 0.19 -6.59
CA LEU A 79 4.35 0.36 -5.15
C LEU A 79 5.65 -0.28 -4.68
N ARG A 80 5.97 -1.44 -5.25
CA ARG A 80 7.14 -2.20 -4.82
C ARG A 80 8.44 -1.50 -5.23
N ILE A 81 8.33 -0.61 -6.21
CA ILE A 81 9.50 0.09 -6.72
C ILE A 81 9.67 1.45 -6.04
N LEU A 82 8.97 1.63 -4.93
CA LEU A 82 9.13 2.83 -4.12
C LEU A 82 10.12 2.60 -2.98
N ASP A 83 11.01 3.56 -2.77
CA ASP A 83 12.08 3.43 -1.79
C ASP A 83 11.51 3.35 -0.37
N ALA A 84 10.32 3.90 -0.20
CA ALA A 84 9.72 4.00 1.14
C ALA A 84 9.07 2.68 1.54
N VAL A 85 8.99 1.74 0.60
CA VAL A 85 8.23 0.52 0.79
C VAL A 85 9.14 -0.67 1.01
N ARG A 86 8.83 -1.47 2.03
CA ARG A 86 9.59 -2.68 2.29
C ARG A 86 8.99 -3.88 1.58
N ARG A 87 7.66 -3.98 1.61
CA ARG A 87 6.97 -5.16 1.10
C ARG A 87 5.55 -4.83 0.68
N VAL A 88 5.13 -5.36 -0.46
CA VAL A 88 3.75 -5.22 -0.92
C VAL A 88 3.11 -6.59 -1.14
N GLU A 89 2.03 -6.85 -0.40
CA GLU A 89 1.30 -8.11 -0.55
C GLU A 89 -0.06 -7.86 -1.18
N THR A 90 -0.62 -8.91 -1.80
CA THR A 90 -1.86 -8.79 -2.54
C THR A 90 -2.87 -9.84 -2.08
N THR A 91 -4.15 -9.55 -2.28
CA THR A 91 -5.21 -10.50 -1.95
C THR A 91 -6.49 -10.17 -2.70
N TYR A 92 -7.34 -11.18 -2.88
CA TYR A 92 -8.63 -10.99 -3.53
C TYR A 92 -9.78 -11.19 -2.54
N ALA A 93 -10.95 -10.65 -2.88
CA ALA A 93 -12.13 -10.78 -2.04
C ALA A 93 -13.39 -10.89 -2.87
N ALA A 94 -14.50 -11.24 -2.22
CA ALA A 94 -15.76 -11.46 -2.91
C ALA A 94 -16.22 -10.20 -3.64
N ASP A 95 -16.96 -10.40 -4.72
CA ASP A 95 -17.51 -9.28 -5.49
C ASP A 95 -18.63 -8.58 -4.74
N SER A 1 -14.42 -10.71 -11.66
CA SER A 1 -13.03 -10.35 -11.39
C SER A 1 -12.86 -8.83 -11.41
N LYS A 2 -13.48 -8.15 -10.45
CA LYS A 2 -13.36 -6.71 -10.34
C LYS A 2 -12.79 -6.30 -8.98
N THR A 3 -13.22 -7.00 -7.94
CA THR A 3 -12.89 -6.61 -6.57
C THR A 3 -11.56 -7.19 -6.14
N PHE A 4 -10.59 -6.32 -5.87
CA PHE A 4 -9.28 -6.75 -5.40
C PHE A 4 -8.73 -5.78 -4.36
N GLU A 5 -7.69 -6.20 -3.65
CA GLU A 5 -6.98 -5.34 -2.72
C GLU A 5 -5.48 -5.51 -2.84
N VAL A 6 -4.74 -4.43 -2.56
CA VAL A 6 -3.30 -4.50 -2.43
C VAL A 6 -2.85 -3.96 -1.08
N ASN A 7 -2.03 -4.74 -0.37
CA ASN A 7 -1.56 -4.37 0.96
C ASN A 7 -0.17 -3.74 0.88
N ILE A 8 -0.03 -2.56 1.49
CA ILE A 8 1.21 -1.80 1.42
C ILE A 8 1.77 -1.53 2.81
N VAL A 9 3.06 -1.78 2.99
CA VAL A 9 3.76 -1.42 4.22
C VAL A 9 4.84 -0.37 3.96
N LEU A 10 4.76 0.72 4.70
CA LEU A 10 5.73 1.81 4.54
C LEU A 10 6.69 1.86 5.73
N ASN A 11 7.90 2.33 5.47
CA ASN A 11 8.92 2.42 6.52
C ASN A 11 8.51 3.40 7.60
N PRO A 12 8.35 2.89 8.82
CA PRO A 12 7.92 3.72 9.94
C PRO A 12 9.07 4.52 10.54
N ASN A 13 10.27 4.23 10.07
CA ASN A 13 11.48 4.74 10.70
C ASN A 13 11.96 6.03 10.05
N LEU A 14 11.07 6.66 9.28
CA LEU A 14 11.40 7.88 8.56
C LEU A 14 10.97 9.11 9.34
N ASP A 15 11.52 10.26 8.98
CA ASP A 15 11.10 11.53 9.56
C ASP A 15 9.61 11.78 9.31
N GLN A 16 9.02 12.64 10.13
CA GLN A 16 7.60 12.98 10.01
C GLN A 16 7.29 13.52 8.62
N LYS A 17 8.22 14.31 8.08
CA LYS A 17 8.07 14.85 6.73
C LYS A 17 8.25 13.77 5.68
N GLN A 18 9.22 12.88 5.90
CA GLN A 18 9.49 11.78 4.98
C GLN A 18 8.32 10.80 4.93
N LEU A 19 7.72 10.57 6.08
CA LEU A 19 6.56 9.68 6.18
C LEU A 19 5.39 10.22 5.37
N ALA A 20 5.17 11.53 5.46
CA ALA A 20 4.15 12.19 4.65
C ALA A 20 4.44 12.03 3.16
N GLN A 21 5.71 12.16 2.80
CA GLN A 21 6.12 11.97 1.41
C GLN A 21 5.93 10.53 0.96
N ALA A 22 6.26 9.59 1.85
CA ALA A 22 6.09 8.18 1.56
C ALA A 22 4.64 7.84 1.28
N LYS A 23 3.73 8.44 2.05
CA LYS A 23 2.30 8.26 1.86
C LYS A 23 1.84 8.89 0.56
N GLU A 24 2.29 10.11 0.30
CA GLU A 24 1.94 10.83 -0.92
C GLU A 24 2.33 10.02 -2.16
N LEU A 25 3.55 9.50 -2.16
CA LEU A 25 4.04 8.71 -3.27
C LEU A 25 3.22 7.45 -3.47
N ALA A 26 2.91 6.76 -2.36
CA ALA A 26 2.10 5.55 -2.40
C ALA A 26 0.72 5.85 -2.96
N ILE A 27 0.17 7.01 -2.60
CA ILE A 27 -1.14 7.42 -3.09
C ILE A 27 -1.11 7.68 -4.59
N LYS A 28 -0.10 8.41 -5.03
CA LYS A 28 0.05 8.73 -6.44
C LYS A 28 0.15 7.47 -7.29
N ALA A 29 0.75 6.43 -6.73
CA ALA A 29 0.86 5.14 -7.42
C ALA A 29 -0.52 4.59 -7.75
N LEU A 30 -1.51 4.97 -6.97
CA LEU A 30 -2.88 4.51 -7.18
C LEU A 30 -3.64 5.45 -8.11
N LYS A 31 -3.47 6.74 -7.90
CA LYS A 31 -4.24 7.75 -8.63
C LYS A 31 -4.05 7.61 -10.12
N GLN A 32 -2.87 7.16 -10.53
CA GLN A 32 -2.55 7.03 -11.95
C GLN A 32 -3.49 6.05 -12.64
N TYR A 33 -4.16 5.22 -11.84
CA TYR A 33 -5.04 4.19 -12.38
C TYR A 33 -6.50 4.62 -12.29
N GLY A 34 -6.72 5.89 -11.98
CA GLY A 34 -8.07 6.45 -11.99
C GLY A 34 -8.78 6.21 -10.66
N ILE A 35 -8.04 5.68 -9.69
CA ILE A 35 -8.60 5.40 -8.38
C ILE A 35 -8.02 6.35 -7.33
N GLY A 36 -8.90 7.05 -6.62
CA GLY A 36 -8.49 8.08 -5.68
C GLY A 36 -8.32 7.52 -4.28
N VAL A 37 -8.24 8.41 -3.30
CA VAL A 37 -7.94 8.01 -1.92
C VAL A 37 -9.17 7.38 -1.27
N GLU A 38 -10.30 7.44 -1.95
CA GLU A 38 -11.54 6.88 -1.44
C GLU A 38 -11.46 5.37 -1.31
N LYS A 39 -10.44 4.78 -1.94
CA LYS A 39 -10.24 3.34 -1.89
C LYS A 39 -9.07 2.99 -0.98
N ILE A 40 -8.59 3.97 -0.22
CA ILE A 40 -7.42 3.78 0.62
C ILE A 40 -7.81 3.78 2.10
N LYS A 41 -7.50 2.69 2.79
CA LYS A 41 -7.61 2.64 4.24
C LYS A 41 -6.23 2.63 4.90
N LEU A 42 -6.02 3.55 5.83
CA LEU A 42 -4.73 3.67 6.51
C LEU A 42 -4.82 3.14 7.93
N ILE A 43 -3.87 2.27 8.29
CA ILE A 43 -3.77 1.78 9.66
C ILE A 43 -2.42 2.13 10.27
N GLY A 44 -2.43 3.04 11.23
CA GLY A 44 -1.20 3.66 11.72
C GLY A 44 -0.63 2.89 12.91
N ASN A 45 -1.24 1.76 13.22
CA ASN A 45 -0.90 1.00 14.42
C ASN A 45 0.37 0.18 14.20
N ALA A 46 1.49 0.87 13.98
CA ALA A 46 2.73 0.21 13.63
C ALA A 46 3.39 -0.43 14.85
N LYS A 47 2.66 -1.34 15.49
CA LYS A 47 3.14 -1.98 16.71
C LYS A 47 2.41 -3.29 16.97
N THR A 48 1.27 -3.47 16.30
CA THR A 48 0.39 -4.59 16.59
C THR A 48 1.10 -5.93 16.41
N VAL A 49 1.29 -6.65 17.52
CA VAL A 49 2.09 -7.86 17.51
C VAL A 49 1.35 -9.01 16.85
N GLU A 50 0.05 -8.84 16.65
CA GLU A 50 -0.78 -9.88 16.05
C GLU A 50 -0.72 -9.81 14.53
N ALA A 51 0.04 -8.86 14.01
CA ALA A 51 0.15 -8.66 12.57
C ALA A 51 1.58 -8.41 12.15
N VAL A 52 2.42 -9.43 12.29
CA VAL A 52 3.87 -9.25 12.22
C VAL A 52 4.28 -8.59 10.90
N GLU A 53 3.70 -9.05 9.81
CA GLU A 53 4.19 -8.72 8.48
C GLU A 53 3.44 -7.53 7.90
N LYS A 54 2.58 -6.92 8.72
CA LYS A 54 1.73 -5.83 8.26
C LYS A 54 1.91 -4.60 9.14
N LEU A 55 1.77 -4.79 10.45
CA LEU A 55 1.66 -3.68 11.39
C LEU A 55 2.83 -3.65 12.36
N LYS A 56 3.17 -4.82 12.90
CA LYS A 56 4.02 -4.91 14.08
C LYS A 56 5.19 -3.93 13.99
N GLN A 57 5.77 -3.83 12.80
CA GLN A 57 6.91 -2.95 12.58
C GLN A 57 6.73 -2.12 11.32
N GLY A 58 5.58 -1.49 11.20
CA GLY A 58 5.30 -0.58 10.09
C GLY A 58 3.82 -0.26 9.98
N ILE A 59 3.50 0.76 9.19
CA ILE A 59 2.11 1.15 8.97
C ILE A 59 1.54 0.45 7.74
N LEU A 60 0.25 0.11 7.81
CA LEU A 60 -0.39 -0.65 6.74
C LEU A 60 -1.37 0.20 5.97
N LEU A 61 -1.33 0.10 4.64
CA LEU A 61 -2.37 0.68 3.79
C LEU A 61 -3.04 -0.39 2.94
N VAL A 62 -4.36 -0.27 2.79
CA VAL A 62 -5.12 -1.18 1.94
C VAL A 62 -5.74 -0.43 0.77
N TYR A 63 -5.25 -0.72 -0.44
CA TYR A 63 -5.78 -0.10 -1.64
C TYR A 63 -6.86 -0.97 -2.27
N GLN A 64 -8.08 -0.47 -2.30
CA GLN A 64 -9.22 -1.22 -2.82
C GLN A 64 -9.38 -0.97 -4.32
N ILE A 65 -9.53 -2.05 -5.08
CA ILE A 65 -9.54 -1.96 -6.54
C ILE A 65 -10.90 -2.40 -7.10
N GLU A 66 -11.45 -1.59 -8.00
CA GLU A 66 -12.61 -1.99 -8.78
C GLU A 66 -12.27 -2.07 -10.27
N ALA A 67 -11.65 -3.16 -10.68
CA ALA A 67 -11.00 -3.23 -11.99
C ALA A 67 -10.62 -4.67 -12.34
N PRO A 68 -10.39 -4.93 -13.62
CA PRO A 68 -9.90 -6.22 -14.07
C PRO A 68 -8.64 -6.62 -13.31
N ALA A 69 -8.45 -7.93 -13.14
CA ALA A 69 -7.35 -8.44 -12.34
C ALA A 69 -6.01 -7.91 -12.83
N ASP A 70 -5.93 -7.63 -14.13
CA ASP A 70 -4.69 -7.16 -14.73
C ASP A 70 -4.14 -5.93 -14.01
N ARG A 71 -5.05 -5.08 -13.53
CA ARG A 71 -4.66 -3.79 -12.96
C ARG A 71 -4.13 -3.97 -11.54
N VAL A 72 -4.32 -5.16 -10.98
CA VAL A 72 -3.86 -5.46 -9.64
C VAL A 72 -2.34 -5.61 -9.60
N ASN A 73 -1.80 -6.36 -10.56
CA ASN A 73 -0.36 -6.54 -10.66
C ASN A 73 0.33 -5.26 -11.10
N ASP A 74 -0.35 -4.49 -11.95
CA ASP A 74 0.18 -3.21 -12.41
C ASP A 74 0.42 -2.26 -11.24
N LEU A 75 -0.55 -2.18 -10.34
CA LEU A 75 -0.42 -1.35 -9.14
C LEU A 75 0.69 -1.86 -8.24
N ALA A 76 0.65 -3.15 -7.93
CA ALA A 76 1.62 -3.77 -7.02
C ALA A 76 3.04 -3.62 -7.57
N ARG A 77 3.18 -3.77 -8.88
CA ARG A 77 4.48 -3.67 -9.53
C ARG A 77 5.09 -2.29 -9.33
N GLU A 78 4.30 -1.25 -9.62
CA GLU A 78 4.77 0.12 -9.48
C GLU A 78 5.09 0.44 -8.03
N LEU A 79 4.29 -0.09 -7.11
CA LEU A 79 4.55 0.06 -5.68
C LEU A 79 5.83 -0.66 -5.27
N ARG A 80 6.04 -1.84 -5.82
CA ARG A 80 7.20 -2.65 -5.49
C ARG A 80 8.50 -1.90 -5.78
N ILE A 81 8.49 -1.10 -6.84
CA ILE A 81 9.68 -0.37 -7.26
C ILE A 81 9.62 1.09 -6.78
N LEU A 82 8.71 1.36 -5.85
CA LEU A 82 8.56 2.69 -5.29
C LEU A 82 9.33 2.84 -3.99
N ASP A 83 10.15 3.89 -3.91
CA ASP A 83 11.06 4.07 -2.78
C ASP A 83 10.29 4.14 -1.46
N ALA A 84 9.04 4.60 -1.54
CA ALA A 84 8.21 4.75 -0.36
C ALA A 84 7.94 3.39 0.29
N VAL A 85 7.87 2.35 -0.53
CA VAL A 85 7.30 1.08 -0.10
C VAL A 85 8.39 0.08 0.27
N ARG A 86 8.17 -0.62 1.38
CA ARG A 86 9.10 -1.66 1.81
C ARG A 86 8.55 -3.05 1.52
N ARG A 87 7.22 -3.16 1.48
CA ARG A 87 6.58 -4.42 1.14
C ARG A 87 5.19 -4.18 0.54
N VAL A 88 4.91 -4.86 -0.56
CA VAL A 88 3.58 -4.81 -1.18
C VAL A 88 3.15 -6.18 -1.68
N GLU A 89 1.90 -6.54 -1.38
CA GLU A 89 1.34 -7.81 -1.85
C GLU A 89 -0.10 -7.65 -2.30
N THR A 90 -0.51 -8.47 -3.26
CA THR A 90 -1.86 -8.41 -3.79
C THR A 90 -2.82 -9.24 -2.94
N THR A 91 -4.12 -9.10 -3.22
CA THR A 91 -5.13 -9.94 -2.59
C THR A 91 -6.35 -10.09 -3.49
N TYR A 92 -6.87 -11.32 -3.55
CA TYR A 92 -8.06 -11.60 -4.35
C TYR A 92 -9.33 -11.52 -3.51
N ALA A 93 -10.44 -11.16 -4.14
CA ALA A 93 -11.72 -11.08 -3.47
C ALA A 93 -12.87 -11.40 -4.42
N ALA A 94 -13.94 -11.96 -3.87
CA ALA A 94 -15.12 -12.29 -4.68
C ALA A 94 -15.90 -11.03 -5.04
N ASP A 95 -16.64 -11.10 -6.14
CA ASP A 95 -17.49 -9.99 -6.57
C ASP A 95 -18.95 -10.25 -6.21
N SER A 1 -14.60 -4.87 -13.56
CA SER A 1 -13.68 -4.50 -12.50
C SER A 1 -13.97 -5.29 -11.22
N LYS A 2 -12.91 -5.71 -10.54
CA LYS A 2 -13.05 -6.49 -9.32
C LYS A 2 -12.49 -5.74 -8.11
N THR A 3 -12.76 -6.26 -6.92
CA THR A 3 -12.27 -5.65 -5.69
C THR A 3 -10.99 -6.32 -5.21
N PHE A 4 -9.98 -5.50 -4.92
CA PHE A 4 -8.73 -6.01 -4.36
C PHE A 4 -8.32 -5.23 -3.12
N GLU A 5 -7.59 -5.88 -2.23
CA GLU A 5 -6.98 -5.21 -1.09
C GLU A 5 -5.46 -5.25 -1.18
N VAL A 6 -4.84 -4.07 -1.06
CA VAL A 6 -3.38 -3.97 -1.13
C VAL A 6 -2.79 -3.72 0.25
N ASN A 7 -1.70 -4.43 0.55
CA ASN A 7 -1.01 -4.25 1.82
C ASN A 7 0.45 -3.87 1.59
N ILE A 8 0.79 -2.63 1.89
CA ILE A 8 2.14 -2.12 1.65
C ILE A 8 2.94 -2.05 2.94
N VAL A 9 4.02 -2.82 3.01
CA VAL A 9 4.89 -2.82 4.18
C VAL A 9 5.93 -1.71 4.09
N LEU A 10 5.83 -0.74 4.99
CA LEU A 10 6.69 0.44 4.94
C LEU A 10 7.78 0.38 6.00
N ASN A 11 8.93 0.96 5.68
CA ASN A 11 10.04 1.05 6.64
C ASN A 11 9.60 1.77 7.90
N PRO A 12 9.91 1.19 9.06
CA PRO A 12 9.42 1.70 10.33
C PRO A 12 10.16 2.98 10.72
N ASN A 13 11.21 3.30 9.98
CA ASN A 13 12.07 4.43 10.32
C ASN A 13 11.67 5.67 9.54
N LEU A 14 10.55 5.60 8.85
CA LEU A 14 10.03 6.74 8.10
C LEU A 14 9.52 7.83 9.02
N ASP A 15 9.78 9.08 8.66
CA ASP A 15 9.24 10.22 9.39
C ASP A 15 7.78 10.46 9.01
N GLN A 16 7.10 11.31 9.78
CA GLN A 16 5.70 11.62 9.54
C GLN A 16 5.50 12.24 8.16
N LYS A 17 6.42 13.12 7.78
CA LYS A 17 6.37 13.76 6.46
C LYS A 17 6.56 12.73 5.36
N GLN A 18 7.46 11.77 5.58
CA GLN A 18 7.74 10.74 4.60
C GLN A 18 6.55 9.81 4.43
N LEU A 19 5.84 9.54 5.52
CA LEU A 19 4.64 8.73 5.48
C LEU A 19 3.51 9.43 4.72
N ALA A 20 3.43 10.75 4.90
CA ALA A 20 2.53 11.57 4.10
C ALA A 20 2.87 11.48 2.61
N GLN A 21 4.16 11.48 2.30
CA GLN A 21 4.63 11.30 0.93
C GLN A 21 4.30 9.90 0.43
N ALA A 22 4.46 8.91 1.30
CA ALA A 22 4.15 7.53 0.95
C ALA A 22 2.69 7.39 0.53
N LYS A 23 1.81 8.07 1.24
CA LYS A 23 0.39 8.12 0.88
C LYS A 23 0.20 8.79 -0.47
N GLU A 24 0.82 9.94 -0.66
CA GLU A 24 0.76 10.66 -1.92
C GLU A 24 1.24 9.77 -3.08
N LEU A 25 2.31 9.04 -2.85
CA LEU A 25 2.86 8.15 -3.86
C LEU A 25 1.88 7.04 -4.21
N ALA A 26 1.23 6.48 -3.19
CA ALA A 26 0.18 5.49 -3.40
C ALA A 26 -0.98 6.07 -4.17
N ILE A 27 -1.35 7.31 -3.85
CA ILE A 27 -2.42 8.00 -4.55
C ILE A 27 -2.08 8.19 -6.02
N LYS A 28 -0.87 8.67 -6.29
CA LYS A 28 -0.41 8.86 -7.65
C LYS A 28 -0.31 7.53 -8.40
N ALA A 29 0.15 6.51 -7.70
CA ALA A 29 0.26 5.17 -8.27
C ALA A 29 -1.10 4.66 -8.74
N LEU A 30 -2.14 5.04 -8.01
CA LEU A 30 -3.50 4.63 -8.36
C LEU A 30 -4.08 5.50 -9.47
N LYS A 31 -3.93 6.82 -9.31
CA LYS A 31 -4.54 7.77 -10.24
C LYS A 31 -4.05 7.54 -11.66
N GLN A 32 -2.78 7.20 -11.80
CA GLN A 32 -2.16 7.04 -13.12
C GLN A 32 -2.84 5.93 -13.91
N TYR A 33 -3.49 5.02 -13.19
CA TYR A 33 -4.17 3.89 -13.83
C TYR A 33 -5.69 4.10 -13.83
N GLY A 34 -6.12 5.30 -13.44
CA GLY A 34 -7.53 5.64 -13.44
C GLY A 34 -8.28 4.93 -12.33
N ILE A 35 -7.58 4.68 -11.23
CA ILE A 35 -8.17 3.97 -10.09
C ILE A 35 -8.49 4.92 -8.95
N GLY A 36 -9.66 4.77 -8.35
CA GLY A 36 -10.09 5.63 -7.27
C GLY A 36 -9.14 5.55 -6.09
N VAL A 37 -9.14 6.60 -5.26
CA VAL A 37 -8.18 6.69 -4.16
C VAL A 37 -8.88 7.03 -2.85
N GLU A 38 -10.16 6.68 -2.77
CA GLU A 38 -11.00 7.14 -1.67
C GLU A 38 -10.97 6.14 -0.51
N LYS A 39 -10.25 5.05 -0.69
CA LYS A 39 -10.26 3.96 0.28
C LYS A 39 -8.86 3.68 0.80
N ILE A 40 -8.14 4.74 1.15
CA ILE A 40 -6.75 4.63 1.59
C ILE A 40 -6.63 4.84 3.09
N LYS A 41 -5.96 3.91 3.76
CA LYS A 41 -5.76 4.00 5.20
C LYS A 41 -4.33 3.66 5.60
N LEU A 42 -3.77 4.45 6.50
CA LEU A 42 -2.41 4.20 7.00
C LEU A 42 -2.44 3.67 8.43
N ILE A 43 -1.68 2.61 8.67
CA ILE A 43 -1.58 2.04 10.01
C ILE A 43 -0.17 2.16 10.56
N GLY A 44 -0.03 2.84 11.70
CA GLY A 44 1.27 3.16 12.26
C GLY A 44 2.01 1.89 12.68
N ASN A 45 1.25 0.88 13.10
CA ASN A 45 1.83 -0.35 13.64
C ASN A 45 0.89 -1.52 13.46
N ALA A 46 1.20 -2.39 12.49
CA ALA A 46 0.33 -3.51 12.15
C ALA A 46 0.93 -4.83 12.61
N LYS A 47 1.94 -4.76 13.47
CA LYS A 47 2.62 -5.95 13.96
C LYS A 47 1.62 -6.95 14.54
N THR A 48 1.80 -8.21 14.17
CA THR A 48 0.84 -9.25 14.55
C THR A 48 1.54 -10.52 14.98
N VAL A 49 0.86 -11.65 14.85
CA VAL A 49 1.32 -12.91 15.42
C VAL A 49 2.83 -13.05 15.29
N GLU A 50 3.46 -13.58 16.33
CA GLU A 50 4.92 -13.56 16.44
C GLU A 50 5.58 -14.32 15.30
N ALA A 51 5.83 -13.64 14.20
CA ALA A 51 6.75 -14.13 13.18
C ALA A 51 7.64 -13.02 12.64
N VAL A 52 8.77 -13.40 12.06
CA VAL A 52 9.78 -12.44 11.65
C VAL A 52 9.19 -11.39 10.70
N GLU A 53 8.42 -11.86 9.74
CA GLU A 53 7.84 -10.98 8.73
C GLU A 53 6.58 -10.30 9.24
N LYS A 54 6.20 -10.63 10.47
CA LYS A 54 4.98 -10.09 11.06
C LYS A 54 5.29 -9.14 12.21
N LEU A 55 6.44 -9.35 12.84
CA LEU A 55 6.91 -8.47 13.90
C LEU A 55 7.75 -7.33 13.36
N LYS A 56 8.37 -7.56 12.21
CA LYS A 56 9.07 -6.50 11.49
C LYS A 56 8.13 -5.75 10.55
N GLN A 57 6.87 -6.16 10.54
CA GLN A 57 5.87 -5.54 9.68
C GLN A 57 5.83 -4.03 9.87
N GLY A 58 5.78 -3.61 11.14
CA GLY A 58 5.87 -2.20 11.47
C GLY A 58 4.75 -1.40 10.83
N ILE A 59 5.12 -0.36 10.08
CA ILE A 59 4.14 0.52 9.48
C ILE A 59 3.50 -0.12 8.25
N LEU A 60 2.18 -0.03 8.17
CA LEU A 60 1.43 -0.70 7.10
C LEU A 60 0.49 0.26 6.39
N LEU A 61 0.61 0.34 5.08
CA LEU A 61 -0.25 1.20 4.27
C LEU A 61 -1.14 0.37 3.36
N VAL A 62 -2.46 0.55 3.50
CA VAL A 62 -3.42 -0.26 2.78
C VAL A 62 -4.40 0.60 1.99
N TYR A 63 -5.06 -0.01 1.01
CA TYR A 63 -6.19 0.63 0.35
C TYR A 63 -7.00 -0.39 -0.45
N GLN A 64 -8.23 -0.01 -0.81
CA GLN A 64 -9.07 -0.86 -1.64
C GLN A 64 -9.01 -0.44 -3.10
N ILE A 65 -9.02 -1.42 -3.99
CA ILE A 65 -8.99 -1.15 -5.42
C ILE A 65 -10.33 -1.47 -6.07
N GLU A 66 -10.77 -0.59 -6.97
CA GLU A 66 -11.84 -0.91 -7.90
C GLU A 66 -11.33 -0.90 -9.34
N ALA A 67 -10.91 -2.07 -9.82
CA ALA A 67 -10.15 -2.16 -11.06
C ALA A 67 -10.13 -3.59 -11.59
N PRO A 68 -9.87 -3.73 -12.89
CA PRO A 68 -9.61 -5.03 -13.48
C PRO A 68 -8.32 -5.64 -12.94
N ALA A 69 -8.24 -6.97 -12.98
CA ALA A 69 -7.18 -7.69 -12.27
C ALA A 69 -5.81 -7.28 -12.77
N ASP A 70 -5.74 -6.83 -14.02
CA ASP A 70 -4.48 -6.48 -14.64
C ASP A 70 -3.73 -5.44 -13.83
N ARG A 71 -4.47 -4.60 -13.11
CA ARG A 71 -3.90 -3.45 -12.43
C ARG A 71 -3.23 -3.86 -11.13
N VAL A 72 -3.44 -5.11 -10.73
CA VAL A 72 -2.79 -5.66 -9.55
C VAL A 72 -1.27 -5.65 -9.71
N ASN A 73 -0.80 -6.14 -10.86
CA ASN A 73 0.63 -6.21 -11.12
C ASN A 73 1.21 -4.83 -11.43
N ASP A 74 0.44 -4.03 -12.15
CA ASP A 74 0.88 -2.69 -12.53
C ASP A 74 1.15 -1.82 -11.31
N LEU A 75 0.26 -1.91 -10.33
CA LEU A 75 0.42 -1.17 -9.08
C LEU A 75 1.57 -1.72 -8.26
N ALA A 76 1.59 -3.03 -8.07
CA ALA A 76 2.61 -3.68 -7.24
C ALA A 76 4.00 -3.38 -7.75
N ARG A 77 4.14 -3.36 -9.08
CA ARG A 77 5.43 -3.05 -9.71
C ARG A 77 5.94 -1.70 -9.26
N GLU A 78 5.12 -0.67 -9.43
CA GLU A 78 5.52 0.69 -9.11
C GLU A 78 5.75 0.87 -7.61
N LEU A 79 4.88 0.27 -6.80
CA LEU A 79 4.93 0.45 -5.36
C LEU A 79 6.20 -0.17 -4.77
N ARG A 80 6.54 -1.36 -5.24
CA ARG A 80 7.69 -2.08 -4.71
C ARG A 80 9.00 -1.37 -5.03
N ILE A 81 8.99 -0.63 -6.15
CA ILE A 81 10.15 0.17 -6.52
C ILE A 81 10.40 1.29 -5.53
N LEU A 82 9.31 1.88 -5.03
CA LEU A 82 9.41 3.05 -4.15
C LEU A 82 10.33 2.76 -2.97
N ASP A 83 11.20 3.73 -2.65
CA ASP A 83 12.21 3.53 -1.61
C ASP A 83 11.56 3.28 -0.25
N ALA A 84 10.37 3.82 -0.06
CA ALA A 84 9.69 3.73 1.23
C ALA A 84 9.11 2.35 1.46
N VAL A 85 9.06 1.55 0.40
CA VAL A 85 8.30 0.30 0.41
C VAL A 85 9.23 -0.90 0.48
N ARG A 86 8.94 -1.81 1.41
CA ARG A 86 9.72 -3.03 1.55
C ARG A 86 9.05 -4.20 0.86
N ARG A 87 7.73 -4.27 0.96
CA ARG A 87 6.97 -5.42 0.47
C ARG A 87 5.53 -5.04 0.16
N VAL A 88 5.04 -5.50 -0.98
CA VAL A 88 3.66 -5.27 -1.38
C VAL A 88 2.95 -6.57 -1.73
N GLU A 89 1.78 -6.78 -1.14
CA GLU A 89 0.93 -7.91 -1.50
C GLU A 89 -0.47 -7.46 -1.87
N THR A 90 -1.18 -8.31 -2.60
CA THR A 90 -2.57 -8.04 -2.96
C THR A 90 -3.47 -9.22 -2.65
N THR A 91 -4.65 -8.95 -2.13
CA THR A 91 -5.64 -9.99 -1.90
C THR A 91 -6.82 -9.86 -2.85
N TYR A 92 -7.16 -10.96 -3.51
CA TYR A 92 -8.17 -10.95 -4.57
C TYR A 92 -9.57 -11.09 -4.00
N ALA A 93 -10.08 -10.00 -3.42
CA ALA A 93 -11.39 -10.01 -2.79
C ALA A 93 -12.50 -10.22 -3.83
N ALA A 94 -13.53 -10.95 -3.43
CA ALA A 94 -14.71 -11.12 -4.27
C ALA A 94 -15.45 -9.81 -4.47
N ASP A 95 -16.07 -9.64 -5.63
CA ASP A 95 -16.92 -8.49 -5.89
C ASP A 95 -18.35 -8.75 -5.46
N SER A 1 -13.18 -5.51 -12.92
CA SER A 1 -14.22 -4.94 -12.06
C SER A 1 -14.29 -5.67 -10.73
N LYS A 2 -13.13 -6.02 -10.18
CA LYS A 2 -13.08 -6.76 -8.93
C LYS A 2 -12.46 -5.92 -7.82
N THR A 3 -12.80 -6.26 -6.58
CA THR A 3 -12.23 -5.57 -5.42
C THR A 3 -10.91 -6.21 -5.00
N PHE A 4 -9.89 -5.38 -4.80
CA PHE A 4 -8.59 -5.86 -4.35
C PHE A 4 -8.18 -5.18 -3.06
N GLU A 5 -7.42 -5.90 -2.24
CA GLU A 5 -6.81 -5.31 -1.05
C GLU A 5 -5.30 -5.19 -1.21
N VAL A 6 -4.76 -4.02 -0.87
CA VAL A 6 -3.33 -3.77 -0.99
C VAL A 6 -2.70 -3.53 0.38
N ASN A 7 -1.59 -4.22 0.63
CA ASN A 7 -0.89 -4.10 1.91
C ASN A 7 0.58 -3.76 1.70
N ILE A 8 0.98 -2.56 2.10
CA ILE A 8 2.34 -2.09 1.89
C ILE A 8 3.08 -1.97 3.22
N VAL A 9 4.21 -2.68 3.33
CA VAL A 9 5.04 -2.60 4.52
C VAL A 9 6.06 -1.46 4.42
N LEU A 10 5.94 -0.49 5.31
CA LEU A 10 6.73 0.73 5.23
C LEU A 10 7.97 0.64 6.12
N ASN A 11 9.03 1.33 5.69
CA ASN A 11 10.23 1.44 6.51
C ASN A 11 9.93 2.17 7.83
N PRO A 12 10.43 1.61 8.92
CA PRO A 12 10.10 2.13 10.25
C PRO A 12 10.84 3.44 10.52
N ASN A 13 11.77 3.78 9.65
CA ASN A 13 12.63 4.94 9.86
C ASN A 13 12.06 6.17 9.16
N LEU A 14 10.83 6.06 8.69
CA LEU A 14 10.15 7.19 8.05
C LEU A 14 9.52 8.10 9.10
N ASP A 15 9.77 9.40 8.97
CA ASP A 15 9.20 10.39 9.87
C ASP A 15 7.82 10.81 9.40
N GLN A 16 7.23 11.79 10.09
CA GLN A 16 5.83 12.16 9.87
C GLN A 16 5.62 12.64 8.44
N LYS A 17 6.58 13.40 7.92
CA LYS A 17 6.49 13.96 6.58
C LYS A 17 6.65 12.88 5.52
N GLN A 18 7.60 11.97 5.75
CA GLN A 18 7.85 10.88 4.82
C GLN A 18 6.67 9.92 4.75
N LEU A 19 6.03 9.70 5.90
CA LEU A 19 4.82 8.89 5.95
C LEU A 19 3.68 9.54 5.19
N ALA A 20 3.58 10.86 5.31
CA ALA A 20 2.64 11.63 4.51
C ALA A 20 2.93 11.50 3.03
N GLN A 21 4.21 11.49 2.67
CA GLN A 21 4.63 11.26 1.29
C GLN A 21 4.25 9.86 0.83
N ALA A 22 4.38 8.89 1.72
CA ALA A 22 4.01 7.51 1.43
C ALA A 22 2.54 7.43 1.02
N LYS A 23 1.70 8.21 1.69
CA LYS A 23 0.30 8.32 1.32
C LYS A 23 0.14 8.85 -0.11
N GLU A 24 0.87 9.93 -0.40
CA GLU A 24 0.84 10.53 -1.73
C GLU A 24 1.29 9.53 -2.79
N LEU A 25 2.30 8.74 -2.45
CA LEU A 25 2.82 7.72 -3.37
C LEU A 25 1.79 6.62 -3.60
N ALA A 26 1.09 6.23 -2.54
CA ALA A 26 -0.02 5.29 -2.65
C ALA A 26 -1.12 5.85 -3.53
N ILE A 27 -1.40 7.15 -3.39
CA ILE A 27 -2.37 7.83 -4.24
C ILE A 27 -1.91 7.86 -5.69
N LYS A 28 -0.62 8.17 -5.89
CA LYS A 28 -0.04 8.16 -7.22
C LYS A 28 -0.31 6.85 -7.95
N ALA A 29 -0.17 5.75 -7.22
CA ALA A 29 -0.52 4.43 -7.75
C ALA A 29 -2.00 4.36 -8.11
N LEU A 30 -2.84 4.98 -7.28
CA LEU A 30 -4.28 4.95 -7.49
C LEU A 30 -4.67 5.84 -8.66
N LYS A 31 -3.87 6.87 -8.92
CA LYS A 31 -4.11 7.76 -10.05
C LYS A 31 -4.11 7.00 -11.37
N GLN A 32 -3.34 5.91 -11.42
CA GLN A 32 -3.31 5.04 -12.58
C GLN A 32 -4.65 4.34 -12.78
N TYR A 33 -5.38 4.15 -11.69
CA TYR A 33 -6.70 3.54 -11.75
C TYR A 33 -7.80 4.59 -11.92
N GLY A 34 -7.55 5.78 -11.37
CA GLY A 34 -8.59 6.81 -11.31
C GLY A 34 -9.35 6.74 -10.00
N ILE A 35 -8.70 6.25 -8.96
CA ILE A 35 -9.33 6.07 -7.66
C ILE A 35 -8.88 7.14 -6.67
N GLY A 36 -9.83 7.69 -5.91
CA GLY A 36 -9.55 8.77 -4.98
C GLY A 36 -8.97 8.24 -3.68
N VAL A 37 -9.12 9.02 -2.61
CA VAL A 37 -8.44 8.73 -1.35
C VAL A 37 -9.39 8.07 -0.36
N GLU A 38 -10.64 7.88 -0.78
CA GLU A 38 -11.66 7.34 0.10
C GLU A 38 -11.41 5.87 0.40
N LYS A 39 -10.46 5.28 -0.32
CA LYS A 39 -10.15 3.87 -0.17
C LYS A 39 -8.97 3.64 0.76
N ILE A 40 -8.39 4.74 1.24
CA ILE A 40 -7.10 4.70 1.91
C ILE A 40 -7.26 4.68 3.43
N LYS A 41 -6.63 3.72 4.08
CA LYS A 41 -6.45 3.76 5.52
C LYS A 41 -4.99 3.56 5.91
N LEU A 42 -4.58 4.19 7.01
CA LEU A 42 -3.19 4.12 7.45
C LEU A 42 -3.08 3.36 8.77
N ILE A 43 -2.01 2.59 8.92
CA ILE A 43 -1.71 1.92 10.18
C ILE A 43 -0.35 2.34 10.71
N GLY A 44 -0.32 2.79 11.96
CA GLY A 44 0.94 3.19 12.59
C GLY A 44 1.63 2.00 13.24
N ASN A 45 2.35 2.26 14.33
CA ASN A 45 3.17 1.23 14.97
C ASN A 45 2.31 0.29 15.80
N ALA A 46 1.36 -0.37 15.15
CA ALA A 46 0.53 -1.38 15.81
C ALA A 46 0.77 -2.76 15.20
N LYS A 47 1.33 -3.67 16.00
CA LYS A 47 1.74 -4.98 15.51
C LYS A 47 0.71 -5.56 14.55
N THR A 48 1.13 -5.82 13.32
CA THR A 48 0.22 -6.30 12.28
C THR A 48 0.77 -7.54 11.60
N VAL A 49 -0.05 -8.58 11.52
CA VAL A 49 0.41 -9.88 11.05
C VAL A 49 0.95 -9.80 9.63
N GLU A 50 0.45 -8.84 8.86
CA GLU A 50 0.87 -8.66 7.48
C GLU A 50 2.30 -8.16 7.40
N ALA A 51 2.72 -7.41 8.40
CA ALA A 51 4.01 -6.72 8.39
C ALA A 51 4.99 -7.37 9.35
N VAL A 52 4.46 -8.06 10.36
CA VAL A 52 5.27 -8.50 11.49
C VAL A 52 6.47 -9.32 11.03
N GLU A 53 6.33 -9.95 9.87
CA GLU A 53 7.40 -10.79 9.33
C GLU A 53 8.64 -9.97 9.01
N LYS A 54 8.43 -8.69 8.69
CA LYS A 54 9.55 -7.81 8.34
C LYS A 54 9.69 -6.69 9.37
N LEU A 55 8.58 -6.26 9.94
CA LEU A 55 8.58 -5.15 10.88
C LEU A 55 7.59 -5.38 12.01
N LYS A 56 8.09 -5.60 13.21
CA LYS A 56 7.27 -5.95 14.35
C LYS A 56 6.33 -4.81 14.74
N GLN A 57 6.69 -3.59 14.32
CA GLN A 57 5.93 -2.41 14.67
C GLN A 57 4.59 -2.40 13.95
N GLY A 58 4.54 -3.04 12.79
CA GLY A 58 3.27 -3.28 12.10
C GLY A 58 2.90 -2.10 11.22
N ILE A 59 3.85 -1.19 11.02
CA ILE A 59 3.60 0.01 10.23
C ILE A 59 3.34 -0.32 8.78
N LEU A 60 2.14 0.01 8.31
CA LEU A 60 1.62 -0.57 7.08
C LEU A 60 0.61 0.38 6.40
N LEU A 61 0.66 0.42 5.08
CA LEU A 61 -0.25 1.26 4.31
C LEU A 61 -1.25 0.43 3.52
N VAL A 62 -2.51 0.49 3.92
CA VAL A 62 -3.53 -0.38 3.36
C VAL A 62 -4.64 0.43 2.71
N TYR A 63 -5.06 0.01 1.51
CA TYR A 63 -6.14 0.67 0.80
C TYR A 63 -6.81 -0.27 -0.19
N GLN A 64 -8.01 0.10 -0.64
CA GLN A 64 -8.81 -0.77 -1.49
C GLN A 64 -8.81 -0.30 -2.93
N ILE A 65 -8.76 -1.24 -3.87
CA ILE A 65 -8.84 -0.92 -5.29
C ILE A 65 -10.02 -1.63 -5.94
N GLU A 66 -10.72 -0.89 -6.81
CA GLU A 66 -11.75 -1.49 -7.65
C GLU A 66 -11.38 -1.38 -9.12
N ALA A 67 -10.92 -2.48 -9.69
CA ALA A 67 -10.22 -2.45 -10.97
C ALA A 67 -10.23 -3.82 -11.64
N PRO A 68 -9.94 -3.84 -12.94
CA PRO A 68 -9.66 -5.08 -13.64
C PRO A 68 -8.47 -5.80 -13.05
N ALA A 69 -8.52 -7.13 -13.04
CA ALA A 69 -7.43 -7.94 -12.51
C ALA A 69 -6.15 -7.71 -13.31
N ASP A 70 -6.30 -7.37 -14.59
CA ASP A 70 -5.16 -7.21 -15.48
C ASP A 70 -4.27 -6.06 -15.03
N ARG A 71 -4.84 -5.13 -14.27
CA ARG A 71 -4.16 -3.90 -13.92
C ARG A 71 -3.37 -4.05 -12.62
N VAL A 72 -3.44 -5.25 -12.04
CA VAL A 72 -2.71 -5.53 -10.80
C VAL A 72 -1.21 -5.42 -11.01
N ASN A 73 -0.74 -5.86 -12.16
CA ASN A 73 0.68 -5.80 -12.48
C ASN A 73 1.21 -4.37 -12.43
N ASP A 74 0.42 -3.44 -12.97
CA ASP A 74 0.80 -2.04 -12.97
C ASP A 74 0.97 -1.51 -11.56
N LEU A 75 0.05 -1.89 -10.67
CA LEU A 75 0.13 -1.50 -9.27
C LEU A 75 1.46 -1.91 -8.65
N ALA A 76 1.78 -3.20 -8.76
CA ALA A 76 2.97 -3.75 -8.12
C ALA A 76 4.23 -3.04 -8.60
N ARG A 77 4.27 -2.76 -9.91
CA ARG A 77 5.44 -2.10 -10.50
C ARG A 77 5.66 -0.73 -9.90
N GLU A 78 4.57 0.00 -9.65
CA GLU A 78 4.66 1.35 -9.11
C GLU A 78 5.08 1.33 -7.64
N LEU A 79 4.59 0.35 -6.90
CA LEU A 79 4.80 0.31 -5.45
C LEU A 79 6.18 -0.24 -5.11
N ARG A 80 6.64 -1.20 -5.89
CA ARG A 80 7.85 -1.95 -5.56
C ARG A 80 9.10 -1.22 -6.02
N ILE A 81 8.92 0.01 -6.49
CA ILE A 81 10.05 0.86 -6.85
C ILE A 81 10.14 2.08 -5.92
N LEU A 82 9.39 2.04 -4.83
CA LEU A 82 9.37 3.15 -3.89
C LEU A 82 10.36 2.91 -2.75
N ASP A 83 11.10 3.96 -2.40
CA ASP A 83 12.15 3.85 -1.38
C ASP A 83 11.56 3.97 0.01
N ALA A 84 10.24 4.13 0.09
CA ALA A 84 9.55 4.12 1.38
C ALA A 84 9.05 2.74 1.73
N VAL A 85 9.19 1.80 0.79
CA VAL A 85 8.48 0.53 0.87
C VAL A 85 9.46 -0.63 1.00
N ARG A 86 9.14 -1.56 1.89
CA ARG A 86 9.96 -2.75 2.08
C ARG A 86 9.35 -3.95 1.39
N ARG A 87 8.02 -4.04 1.41
CA ARG A 87 7.31 -5.19 0.87
C ARG A 87 5.93 -4.80 0.38
N VAL A 88 5.54 -5.31 -0.79
CA VAL A 88 4.21 -5.09 -1.33
C VAL A 88 3.48 -6.40 -1.55
N GLU A 89 2.29 -6.50 -0.96
CA GLU A 89 1.43 -7.67 -1.17
C GLU A 89 0.03 -7.25 -1.62
N THR A 90 -0.60 -8.08 -2.44
CA THR A 90 -1.97 -7.86 -2.85
C THR A 90 -2.79 -9.14 -2.77
N THR A 91 -4.10 -9.00 -2.83
CA THR A 91 -5.00 -10.16 -2.85
C THR A 91 -6.37 -9.78 -3.40
N TYR A 92 -7.09 -10.78 -3.90
CA TYR A 92 -8.49 -10.60 -4.28
C TYR A 92 -9.36 -10.36 -3.06
N ALA A 93 -10.38 -9.52 -3.22
CA ALA A 93 -11.29 -9.20 -2.12
C ALA A 93 -12.70 -8.95 -2.64
N ALA A 94 -13.64 -8.76 -1.72
CA ALA A 94 -15.03 -8.51 -2.07
C ALA A 94 -15.71 -7.60 -1.06
N ASP A 95 -16.78 -6.95 -1.48
CA ASP A 95 -17.53 -6.05 -0.60
C ASP A 95 -18.95 -6.56 -0.37
#